data_5E33
#
_entry.id   5E33
#
_cell.length_a   119.790
_cell.length_b   105.760
_cell.length_c   65.167
_cell.angle_alpha   90.00
_cell.angle_beta   93.49
_cell.angle_gamma   90.00
#
_symmetry.space_group_name_H-M   'C 1 2 1'
#
loop_
_entity.id
_entity.type
_entity.pdbx_description
1 polymer 'Dipeptidyl peptidase 3'
2 polymer Met-enkephalin
3 non-polymer 'ZINC ION'
4 non-polymer 'MAGNESIUM ION'
5 non-polymer 'POTASSIUM ION'
6 water water
#
loop_
_entity_poly.entity_id
_entity_poly.type
_entity_poly.pdbx_seq_one_letter_code
_entity_poly.pdbx_strand_id
1 'polypeptide(L)'
;MADTQYILPNDIGVSSLDSREAFRLLSPTERLYAYHLSRAAWYGGLAVLLQTSPEAPYIYALLSRLFRAQDPDQLRQHAL
AEGLTEEEYQAFLVYAAGVYSNMGNYKSFGDTKFVPNLPKEKLERVILGSEAAQQHPEEVRGLWQTCGELMFSLEPRLRH
LGLGKEGITTYFSGNCTMEDAKLAQDFLDSQNLSAYNTRLFKEVDGCGKPYYEVRLASVLGSEPSLDSEVTSKLKSYEFR
GSPFQVTRGDYAPILQKVVEQLEKAKAYAANSHQGQMLAQYIESFTQGSIEAHKRGSRFWIQDKGPIVESYIGFIESYRD
PFGSRGEFEGFVAVVNKAMSAKFERLVASAEQLLKELPWPPTFEKDKFLTPDFTSLDVLTFAGSGIPAGINIPNYDDLRQ
TEGFKNVSLGNVLAVAYATQREKLTFLEEDDKDLYILWKGPSFDVQVGLHALLGHGSGKLFVQDEKGAFNFDQETVINPE
TGEQIQSWYRCGETWDSKFSTIASSYEECRAESVGLYLSLHPQVLEIFGFEGADAEDVIYVNWLNMVRAGLLALEFYTPE
AFNWRQAHMQARFVILRVLLEAGEGLVTITPTTGSDGRPDARVRLDRSKIRSVGKPALERFLRRLQVLKSTGDVAGGRAL
YEGYATVTDAPPESFLTLRDTVLLRKESRKLIVQPNTRLEGSDVQLLEYEASAAGLIRSFSERFPEDGPELEEILTQLAT
ADARFW
;
A
2 'polypeptide(L)' YGGFM B
#
loop_
_chem_comp.id
_chem_comp.type
_chem_comp.name
_chem_comp.formula
K non-polymer 'POTASSIUM ION' 'K 1'
MG non-polymer 'MAGNESIUM ION' 'Mg 2'
ZN non-polymer 'ZINC ION' 'Zn 2'
#
# COMPACT_ATOMS: atom_id res chain seq x y z
N ALA A 2 17.13 -20.84 -5.00
CA ALA A 2 16.12 -20.23 -5.87
C ALA A 2 14.71 -20.31 -5.26
N ASP A 3 13.91 -19.26 -5.49
CA ASP A 3 12.56 -19.13 -4.92
C ASP A 3 11.44 -19.89 -5.67
N THR A 4 10.47 -20.45 -4.94
CA THR A 4 9.25 -21.02 -5.53
C THR A 4 8.08 -20.04 -5.39
N GLN A 5 7.33 -19.81 -6.47
CA GLN A 5 6.17 -18.96 -6.37
C GLN A 5 5.20 -19.61 -5.37
N TYR A 6 4.53 -18.75 -4.62
CA TYR A 6 3.46 -19.04 -3.64
C TYR A 6 3.94 -19.62 -2.30
N ILE A 7 5.24 -19.53 -2.03
CA ILE A 7 5.78 -19.86 -0.71
C ILE A 7 6.85 -18.84 -0.30
N LEU A 8 6.91 -18.57 1.00
CA LEU A 8 7.98 -17.72 1.56
C LEU A 8 9.14 -18.67 1.87
N PRO A 9 10.33 -18.35 1.37
CA PRO A 9 11.46 -19.26 1.59
C PRO A 9 11.87 -19.27 3.06
N ASN A 10 12.31 -20.41 3.57
CA ASN A 10 12.78 -20.47 4.95
C ASN A 10 13.81 -19.40 5.27
N ASP A 11 14.66 -19.09 4.32
CA ASP A 11 15.73 -18.14 4.60
C ASP A 11 15.34 -16.69 4.23
N ILE A 12 14.04 -16.41 4.17
CA ILE A 12 13.60 -15.04 3.89
C ILE A 12 14.21 -14.04 4.90
N GLY A 13 14.53 -12.85 4.42
CA GLY A 13 15.18 -11.88 5.27
C GLY A 13 14.19 -11.31 6.27
N VAL A 14 14.65 -11.05 7.48
CA VAL A 14 13.84 -10.39 8.49
C VAL A 14 14.68 -9.27 9.12
N SER A 15 14.10 -8.09 9.24
CA SER A 15 14.75 -6.96 9.90
C SER A 15 13.88 -6.40 10.97
N SER A 16 14.50 -5.90 12.04
CA SER A 16 13.71 -5.26 13.11
C SER A 16 13.82 -3.74 13.00
N LEU A 17 12.69 -3.05 12.93
CA LEU A 17 12.67 -1.58 12.90
C LEU A 17 13.46 -1.04 14.09
N ASP A 18 14.29 -0.03 13.84
CA ASP A 18 15.03 0.65 14.91
C ASP A 18 14.28 1.88 15.38
N SER A 19 13.66 1.78 16.55
CA SER A 19 12.75 2.80 17.07
C SER A 19 13.16 3.30 18.46
N ARG A 20 14.25 2.75 19.01
CA ARG A 20 14.64 3.06 20.39
C ARG A 20 15.00 4.54 20.58
N GLU A 21 15.86 5.05 19.72
CA GLU A 21 16.30 6.44 19.87
C GLU A 21 15.12 7.43 19.75
N ALA A 22 14.25 7.19 18.77
CA ALA A 22 13.07 8.05 18.58
C ALA A 22 12.18 8.02 19.81
N PHE A 23 11.95 6.83 20.35
CA PHE A 23 11.11 6.65 21.53
C PHE A 23 11.69 7.36 22.77
N ARG A 24 13.01 7.27 22.92
CA ARG A 24 13.69 7.89 24.06
C ARG A 24 13.51 9.41 24.12
N LEU A 25 13.34 10.03 22.95
CA LEU A 25 13.12 11.48 22.84
C LEU A 25 11.79 11.94 23.46
N LEU A 26 10.80 11.07 23.48
CA LEU A 26 9.44 11.45 23.86
C LEU A 26 9.24 11.75 25.34
N SER A 27 8.47 12.79 25.61
CA SER A 27 8.06 13.09 26.97
C SER A 27 7.04 12.07 27.48
N PRO A 28 6.78 12.05 28.79
CA PRO A 28 5.75 11.14 29.32
C PRO A 28 4.40 11.29 28.61
N THR A 29 3.98 12.51 28.35
CA THR A 29 2.69 12.75 27.74
C THR A 29 2.70 12.24 26.29
N GLU A 30 3.80 12.49 25.61
CA GLU A 30 3.93 12.11 24.22
C GLU A 30 3.97 10.59 24.10
N ARG A 31 4.62 9.94 25.04
CA ARG A 31 4.60 8.46 25.09
C ARG A 31 3.19 7.90 25.26
N LEU A 32 2.38 8.52 26.11
CA LEU A 32 1.04 8.01 26.32
C LEU A 32 0.16 8.24 25.08
N TYR A 33 0.32 9.40 24.46
CA TYR A 33 -0.35 9.68 23.19
C TYR A 33 0.00 8.61 22.16
N ALA A 34 1.30 8.45 21.97
CA ALA A 34 1.83 7.41 21.04
C ALA A 34 1.34 6.01 21.40
N TYR A 35 1.33 5.69 22.69
CA TYR A 35 0.86 4.38 23.18
C TYR A 35 -0.59 4.10 22.75
N HIS A 36 -1.50 5.04 22.98
CA HIS A 36 -2.89 4.78 22.66
C HIS A 36 -3.14 4.79 21.17
N LEU A 37 -2.50 5.69 20.43
CA LEU A 37 -2.65 5.68 18.97
C LEU A 37 -2.10 4.41 18.36
N SER A 38 -1.01 3.90 18.92
CA SER A 38 -0.46 2.61 18.46
C SER A 38 -1.47 1.50 18.65
N ARG A 39 -2.11 1.48 19.80
CA ARG A 39 -3.12 0.47 20.04
C ARG A 39 -4.26 0.61 19.06
N ALA A 40 -4.68 1.85 18.81
CA ALA A 40 -5.73 2.08 17.81
C ALA A 40 -5.37 1.50 16.44
N ALA A 41 -4.14 1.77 16.02
CA ALA A 41 -3.63 1.33 14.72
C ALA A 41 -3.58 -0.18 14.64
N TRP A 42 -3.01 -0.82 15.67
CA TRP A 42 -2.86 -2.28 15.62
C TRP A 42 -4.21 -3.04 15.64
N TYR A 43 -5.16 -2.54 16.43
CA TYR A 43 -6.51 -3.04 16.40
C TYR A 43 -7.09 -2.93 15.00
N GLY A 44 -7.01 -1.72 14.44
CA GLY A 44 -7.61 -1.49 13.15
C GLY A 44 -6.99 -2.32 12.04
N GLY A 45 -5.69 -2.55 12.16
CA GLY A 45 -4.96 -3.40 11.22
C GLY A 45 -5.55 -4.79 11.09
N LEU A 46 -6.21 -5.28 12.16
CA LEU A 46 -6.80 -6.60 12.04
C LEU A 46 -7.92 -6.67 11.00
N ALA A 47 -8.60 -5.56 10.75
CA ALA A 47 -9.62 -5.50 9.67
C ALA A 47 -9.05 -5.90 8.31
N VAL A 48 -7.76 -5.68 8.12
CA VAL A 48 -7.13 -6.00 6.84
C VAL A 48 -7.24 -7.50 6.53
N LEU A 49 -7.22 -8.32 7.58
CA LEU A 49 -7.48 -9.75 7.38
C LEU A 49 -8.80 -9.98 6.64
N LEU A 50 -9.84 -9.28 7.08
CA LEU A 50 -11.16 -9.43 6.49
C LEU A 50 -11.18 -8.83 5.08
N GLN A 51 -10.34 -7.81 4.87
CA GLN A 51 -10.18 -7.19 3.55
C GLN A 51 -9.24 -7.96 2.63
N THR A 52 -8.72 -9.11 3.06
CA THR A 52 -7.77 -9.84 2.22
C THR A 52 -8.32 -11.10 1.56
N SER A 53 -8.72 -12.09 2.38
CA SER A 53 -9.18 -13.37 1.85
C SER A 53 -10.22 -13.90 2.80
N PRO A 54 -11.10 -14.80 2.34
CA PRO A 54 -12.10 -15.34 3.27
C PRO A 54 -11.44 -16.10 4.44
N GLU A 55 -10.36 -16.82 4.17
CA GLU A 55 -9.76 -17.63 5.23
C GLU A 55 -8.81 -16.85 6.16
N ALA A 56 -8.34 -15.68 5.73
CA ALA A 56 -7.31 -14.97 6.53
C ALA A 56 -7.71 -14.75 8.01
N PRO A 57 -8.95 -14.28 8.29
CA PRO A 57 -9.28 -14.07 9.71
C PRO A 57 -9.21 -15.36 10.53
N TYR A 58 -9.62 -16.50 9.97
CA TYR A 58 -9.48 -17.76 10.69
C TYR A 58 -8.03 -18.17 10.88
N ILE A 59 -7.20 -18.01 9.86
CA ILE A 59 -5.78 -18.37 10.00
C ILE A 59 -5.13 -17.53 11.09
N TYR A 60 -5.39 -16.21 11.09
CA TYR A 60 -4.87 -15.38 12.17
C TYR A 60 -5.34 -15.89 13.56
N ALA A 61 -6.64 -16.15 13.69
CA ALA A 61 -7.17 -16.63 14.96
C ALA A 61 -6.49 -17.95 15.37
N LEU A 62 -6.22 -18.83 14.39
CA LEU A 62 -5.62 -20.14 14.71
C LEU A 62 -4.15 -19.98 15.14
N LEU A 63 -3.40 -19.17 14.41
CA LEU A 63 -2.00 -18.90 14.76
C LEU A 63 -1.91 -18.20 16.10
N SER A 64 -2.81 -17.25 16.33
CA SER A 64 -2.79 -16.47 17.57
C SER A 64 -3.00 -17.43 18.76
N ARG A 65 -3.99 -18.31 18.63
CA ARG A 65 -4.26 -19.34 19.64
C ARG A 65 -3.05 -20.22 19.89
N LEU A 66 -2.49 -20.72 18.80
CA LEU A 66 -1.34 -21.63 18.88
C LEU A 66 -0.19 -21.00 19.64
N PHE A 67 0.22 -19.80 19.24
CA PHE A 67 1.40 -19.21 19.84
C PHE A 67 1.15 -18.56 21.20
N ARG A 68 -0.10 -18.31 21.54
CA ARG A 68 -0.41 -17.86 22.90
CA ARG A 68 -0.38 -17.85 22.90
C ARG A 68 -0.15 -19.02 23.87
N ALA A 69 -0.54 -20.23 23.48
CA ALA A 69 -0.37 -21.38 24.36
C ALA A 69 1.08 -21.90 24.37
N GLN A 70 1.73 -21.88 23.21
CA GLN A 70 3.12 -22.35 23.10
C GLN A 70 3.95 -21.38 22.27
N ASP A 71 4.97 -20.75 22.85
CA ASP A 71 5.78 -19.81 22.08
C ASP A 71 6.64 -20.59 21.05
N PRO A 72 7.35 -19.87 20.13
CA PRO A 72 8.07 -20.60 19.05
C PRO A 72 9.00 -21.70 19.57
N ASP A 73 9.64 -21.47 20.72
CA ASP A 73 10.54 -22.50 21.27
C ASP A 73 9.81 -23.65 21.96
N GLN A 74 8.69 -23.37 22.62
CA GLN A 74 7.87 -24.45 23.20
C GLN A 74 7.22 -25.25 22.09
N LEU A 75 6.74 -24.55 21.08
CA LEU A 75 5.99 -25.22 20.02
C LEU A 75 6.99 -26.07 19.20
N ARG A 76 8.24 -25.62 19.08
CA ARG A 76 9.28 -26.41 18.46
C ARG A 76 9.39 -27.80 19.09
N GLN A 77 9.37 -27.84 20.41
CA GLN A 77 9.55 -29.10 21.13
C GLN A 77 8.41 -30.04 20.80
N HIS A 78 7.19 -29.52 20.79
CA HIS A 78 6.02 -30.32 20.39
C HIS A 78 6.10 -30.74 18.93
N ALA A 79 6.33 -29.78 18.04
CA ALA A 79 6.40 -30.09 16.62
C ALA A 79 7.42 -31.14 16.21
N LEU A 80 8.61 -31.05 16.78
CA LEU A 80 9.64 -32.02 16.45
C LEU A 80 9.34 -33.41 17.08
N ALA A 81 8.68 -33.42 18.23
CA ALA A 81 8.28 -34.70 18.85
C ALA A 81 7.20 -35.37 18.00
N GLU A 82 6.53 -34.57 17.18
CA GLU A 82 5.46 -35.06 16.30
C GLU A 82 5.91 -35.34 14.87
N GLY A 83 7.21 -35.29 14.62
CA GLY A 83 7.73 -35.76 13.35
C GLY A 83 8.14 -34.67 12.36
N LEU A 84 7.90 -33.41 12.68
CA LEU A 84 8.38 -32.35 11.79
C LEU A 84 9.89 -32.30 11.87
N THR A 85 10.57 -32.05 10.75
CA THR A 85 11.97 -31.70 10.80
C THR A 85 12.11 -30.23 11.24
N GLU A 86 13.30 -29.85 11.66
CA GLU A 86 13.57 -28.46 11.98
C GLU A 86 13.27 -27.60 10.73
N GLU A 87 13.57 -28.11 9.53
CA GLU A 87 13.33 -27.31 8.34
C GLU A 87 11.82 -27.09 8.09
N GLU A 88 11.04 -28.11 8.40
CA GLU A 88 9.59 -28.01 8.22
C GLU A 88 9.00 -27.10 9.29
N TYR A 89 9.55 -27.15 10.49
CA TYR A 89 9.09 -26.25 11.55
C TYR A 89 9.43 -24.80 11.19
N GLN A 90 10.64 -24.57 10.70
CA GLN A 90 11.03 -23.24 10.22
C GLN A 90 10.10 -22.73 9.12
N ALA A 91 9.67 -23.62 8.24
CA ALA A 91 8.73 -23.24 7.19
C ALA A 91 7.41 -22.77 7.78
N PHE A 92 6.96 -23.43 8.84
CA PHE A 92 5.73 -22.98 9.49
C PHE A 92 5.92 -21.63 10.20
N LEU A 93 7.06 -21.40 10.83
CA LEU A 93 7.31 -20.11 11.47
C LEU A 93 7.34 -18.98 10.42
N VAL A 94 8.06 -19.21 9.35
CA VAL A 94 8.08 -18.20 8.28
C VAL A 94 6.67 -17.93 7.71
N TYR A 95 5.88 -18.97 7.51
CA TYR A 95 4.50 -18.78 7.06
C TYR A 95 3.70 -17.88 8.03
N ALA A 96 3.76 -18.22 9.31
CA ALA A 96 3.01 -17.47 10.33
C ALA A 96 3.50 -16.02 10.35
N ALA A 97 4.82 -15.84 10.29
CA ALA A 97 5.37 -14.50 10.26
C ALA A 97 4.87 -13.77 9.01
N GLY A 98 4.80 -14.47 7.88
CA GLY A 98 4.26 -13.85 6.65
C GLY A 98 2.82 -13.38 6.83
N VAL A 99 1.98 -14.24 7.43
CA VAL A 99 0.56 -13.89 7.66
C VAL A 99 0.45 -12.68 8.60
N TYR A 100 1.20 -12.68 9.69
CA TYR A 100 1.17 -11.53 10.59
C TYR A 100 1.56 -10.26 9.89
N SER A 101 2.66 -10.32 9.13
CA SER A 101 3.23 -9.08 8.63
C SER A 101 2.49 -8.55 7.41
N ASN A 102 1.70 -9.40 6.74
CA ASN A 102 0.83 -8.96 5.65
C ASN A 102 -0.62 -8.75 6.07
N MET A 103 -0.95 -9.13 7.29
CA MET A 103 -2.35 -9.23 7.72
C MET A 103 -3.17 -10.01 6.72
N GLY A 104 -2.64 -11.17 6.32
CA GLY A 104 -3.31 -12.00 5.35
C GLY A 104 -2.35 -13.01 4.77
N ASN A 105 -2.90 -13.98 4.03
CA ASN A 105 -2.09 -15.03 3.39
C ASN A 105 -1.88 -14.73 1.91
N TYR A 106 -1.92 -13.44 1.57
CA TYR A 106 -1.54 -12.93 0.25
C TYR A 106 -0.53 -11.84 0.44
N LYS A 107 0.53 -11.83 -0.37
CA LYS A 107 1.50 -10.74 -0.24
C LYS A 107 0.88 -9.37 -0.50
N SER A 108 1.15 -8.40 0.36
CA SER A 108 0.73 -7.03 0.16
C SER A 108 1.40 -6.42 -1.05
N PHE A 109 2.60 -6.90 -1.33
CA PHE A 109 3.36 -6.40 -2.49
C PHE A 109 3.40 -7.51 -3.55
N GLY A 110 2.42 -7.51 -4.44
CA GLY A 110 2.31 -8.55 -5.45
C GLY A 110 0.97 -9.28 -5.48
N ASP A 111 0.25 -9.26 -4.37
CA ASP A 111 -1.12 -9.82 -4.34
C ASP A 111 -1.22 -11.31 -4.69
N THR A 112 -0.16 -12.07 -4.38
CA THR A 112 -0.12 -13.50 -4.65
C THR A 112 -0.28 -14.30 -3.36
N LYS A 113 -0.98 -15.41 -3.45
CA LYS A 113 -1.16 -16.27 -2.27
C LYS A 113 0.17 -16.83 -1.83
N PHE A 114 0.34 -17.10 -0.52
CA PHE A 114 1.47 -17.90 -0.10
C PHE A 114 0.95 -18.94 0.90
N VAL A 115 1.54 -20.14 0.86
CA VAL A 115 1.09 -21.32 1.60
C VAL A 115 2.27 -21.86 2.40
N PRO A 116 2.01 -22.66 3.44
CA PRO A 116 3.10 -23.14 4.27
C PRO A 116 3.92 -24.18 3.52
N ASN A 117 5.23 -24.08 3.59
CA ASN A 117 6.12 -24.98 2.83
C ASN A 117 6.45 -26.26 3.61
N LEU A 118 5.40 -27.02 3.94
CA LEU A 118 5.52 -28.31 4.62
C LEU A 118 4.23 -29.08 4.37
N PRO A 119 4.23 -30.39 4.64
CA PRO A 119 3.04 -31.18 4.34
C PRO A 119 1.87 -30.84 5.25
N LYS A 120 0.70 -30.65 4.63
CA LYS A 120 -0.51 -30.30 5.39
C LYS A 120 -0.79 -31.30 6.51
N GLU A 121 -0.58 -32.58 6.22
CA GLU A 121 -0.89 -33.62 7.19
C GLU A 121 0.08 -33.56 8.39
N LYS A 122 1.32 -33.11 8.20
CA LYS A 122 2.23 -33.02 9.33
C LYS A 122 1.83 -31.82 10.19
N LEU A 123 1.48 -30.71 9.55
CA LEU A 123 1.02 -29.52 10.28
C LEU A 123 -0.26 -29.83 11.03
N GLU A 124 -1.14 -30.62 10.43
CA GLU A 124 -2.37 -31.04 11.15
C GLU A 124 -2.06 -31.69 12.48
N ARG A 125 -1.08 -32.60 12.45
CA ARG A 125 -0.69 -33.35 13.62
C ARG A 125 -0.24 -32.41 14.72
N VAL A 126 0.51 -31.40 14.32
CA VAL A 126 1.06 -30.42 15.22
C VAL A 126 -0.04 -29.57 15.83
N ILE A 127 -0.95 -29.08 14.98
CA ILE A 127 -2.00 -28.19 15.44
C ILE A 127 -2.99 -28.93 16.36
N LEU A 128 -3.35 -30.16 16.01
CA LEU A 128 -4.39 -30.87 16.75
C LEU A 128 -3.88 -31.44 18.06
N GLY A 129 -2.57 -31.65 18.15
CA GLY A 129 -1.95 -32.07 19.41
C GLY A 129 -1.40 -30.91 20.24
N SER A 130 -1.63 -29.69 19.78
CA SER A 130 -1.03 -28.52 20.43
C SER A 130 -1.65 -28.25 21.79
N GLU A 131 -0.98 -27.45 22.62
CA GLU A 131 -1.57 -27.06 23.90
CA GLU A 131 -1.57 -27.07 23.90
C GLU A 131 -2.80 -26.18 23.68
N ALA A 132 -2.80 -25.42 22.58
CA ALA A 132 -3.97 -24.62 22.23
C ALA A 132 -5.18 -25.56 22.08
N ALA A 133 -4.94 -26.72 21.49
CA ALA A 133 -6.04 -27.63 21.16
C ALA A 133 -6.45 -28.42 22.42
N GLN A 134 -5.52 -28.58 23.35
CA GLN A 134 -5.86 -29.31 24.60
C GLN A 134 -6.75 -28.45 25.45
N GLN A 135 -6.50 -27.14 25.42
CA GLN A 135 -7.26 -26.18 26.17
C GLN A 135 -8.62 -25.84 25.57
N HIS A 136 -8.67 -25.75 24.24
CA HIS A 136 -9.90 -25.37 23.54
C HIS A 136 -10.08 -26.22 22.29
N PRO A 137 -10.39 -27.51 22.47
CA PRO A 137 -10.45 -28.46 21.35
C PRO A 137 -11.48 -28.08 20.31
N GLU A 138 -12.65 -27.59 20.74
CA GLU A 138 -13.71 -27.28 19.78
C GLU A 138 -13.25 -26.12 18.92
N GLU A 139 -12.69 -25.11 19.57
CA GLU A 139 -12.30 -23.89 18.86
C GLU A 139 -11.18 -24.20 17.87
N VAL A 140 -10.18 -24.98 18.29
CA VAL A 140 -9.04 -25.27 17.43
C VAL A 140 -9.44 -26.25 16.31
N ARG A 141 -10.21 -27.28 16.64
CA ARG A 141 -10.62 -28.22 15.57
C ARG A 141 -11.49 -27.53 14.55
N GLY A 142 -12.36 -26.64 15.01
CA GLY A 142 -13.28 -25.95 14.12
C GLY A 142 -12.52 -25.03 13.21
N LEU A 143 -11.55 -24.31 13.78
CA LEU A 143 -10.71 -23.42 12.96
C LEU A 143 -9.96 -24.21 11.90
N TRP A 144 -9.33 -25.31 12.29
CA TRP A 144 -8.56 -26.13 11.33
C TRP A 144 -9.46 -26.70 10.22
N GLN A 145 -10.65 -27.17 10.60
CA GLN A 145 -11.63 -27.68 9.66
CA GLN A 145 -11.55 -27.69 9.60
C GLN A 145 -12.01 -26.60 8.65
N THR A 146 -12.19 -25.39 9.17
CA THR A 146 -12.67 -24.29 8.37
C THR A 146 -11.60 -23.71 7.43
N CYS A 147 -10.33 -23.64 7.86
CA CYS A 147 -9.35 -22.93 7.04
C CYS A 147 -8.17 -23.75 6.56
N GLY A 148 -8.08 -25.01 6.99
CA GLY A 148 -6.88 -25.79 6.68
C GLY A 148 -6.74 -26.06 5.19
N GLU A 149 -7.85 -26.34 4.53
CA GLU A 149 -7.76 -26.60 3.10
C GLU A 149 -7.35 -25.33 2.34
N LEU A 150 -7.96 -24.20 2.70
CA LEU A 150 -7.65 -22.94 2.02
C LEU A 150 -6.27 -22.44 2.42
N MET A 151 -5.79 -22.77 3.62
CA MET A 151 -4.40 -22.42 3.98
C MET A 151 -3.41 -22.97 2.95
N PHE A 152 -3.73 -24.13 2.40
CA PHE A 152 -2.79 -24.82 1.49
C PHE A 152 -3.13 -24.77 0.00
N SER A 153 -4.39 -24.55 -0.34
CA SER A 153 -4.79 -24.72 -1.74
C SER A 153 -4.21 -23.70 -2.71
N LEU A 154 -3.60 -24.21 -3.79
CA LEU A 154 -3.11 -23.38 -4.87
C LEU A 154 -3.89 -23.65 -6.16
N GLU A 155 -5.18 -23.91 -6.04
CA GLU A 155 -6.02 -23.93 -7.24
C GLU A 155 -5.87 -22.61 -7.98
N PRO A 156 -5.84 -22.64 -9.33
CA PRO A 156 -5.50 -21.44 -10.10
C PRO A 156 -6.29 -20.20 -9.71
N ARG A 157 -7.60 -20.33 -9.48
CA ARG A 157 -8.45 -19.21 -9.18
C ARG A 157 -8.12 -18.59 -7.81
N LEU A 158 -7.28 -19.26 -7.04
CA LEU A 158 -6.95 -18.74 -5.69
C LEU A 158 -5.57 -18.09 -5.60
N ARG A 159 -4.79 -18.18 -6.68
CA ARG A 159 -3.39 -17.77 -6.61
C ARG A 159 -3.17 -16.25 -6.55
N HIS A 160 -4.15 -15.47 -7.05
CA HIS A 160 -4.02 -14.00 -7.13
C HIS A 160 -5.27 -13.32 -6.64
N LEU A 161 -5.12 -12.10 -6.14
CA LEU A 161 -6.29 -11.30 -5.78
C LEU A 161 -6.89 -10.78 -7.07
N GLY A 162 -8.20 -10.65 -7.12
CA GLY A 162 -8.83 -10.05 -8.29
C GLY A 162 -10.33 -10.24 -8.25
N LEU A 163 -11.03 -9.42 -9.04
CA LEU A 163 -12.45 -9.60 -9.35
C LEU A 163 -12.69 -10.75 -10.34
N GLY A 164 -13.95 -11.16 -10.49
CA GLY A 164 -14.29 -12.26 -11.38
C GLY A 164 -13.89 -13.64 -10.85
N LYS A 165 -14.12 -14.67 -11.66
CA LYS A 165 -14.00 -16.04 -11.17
C LYS A 165 -12.56 -16.53 -11.08
N GLU A 166 -11.61 -15.75 -11.58
CA GLU A 166 -10.23 -16.24 -11.70
C GLU A 166 -9.30 -15.71 -10.59
N GLY A 167 -9.84 -14.95 -9.65
CA GLY A 167 -9.07 -14.40 -8.55
C GLY A 167 -9.89 -14.27 -7.29
N ILE A 168 -9.24 -13.97 -6.17
CA ILE A 168 -9.89 -13.85 -4.88
C ILE A 168 -9.95 -12.39 -4.45
N THR A 169 -11.09 -11.97 -3.93
CA THR A 169 -11.15 -10.67 -3.31
C THR A 169 -12.26 -10.69 -2.27
N THR A 170 -12.05 -9.96 -1.19
CA THR A 170 -13.11 -9.81 -0.20
C THR A 170 -13.58 -8.37 -0.12
N TYR A 171 -13.10 -7.48 -1.00
CA TYR A 171 -13.76 -6.17 -1.15
C TYR A 171 -15.16 -6.36 -1.73
N PHE A 172 -15.30 -7.48 -2.44
CA PHE A 172 -16.57 -7.88 -3.09
C PHE A 172 -16.93 -9.31 -2.73
N SER A 173 -18.21 -9.67 -2.87
CA SER A 173 -18.58 -11.08 -2.84
C SER A 173 -17.96 -11.75 -4.05
N GLY A 174 -17.79 -13.07 -3.98
CA GLY A 174 -17.05 -13.83 -4.98
C GLY A 174 -17.73 -13.84 -6.34
N ASN A 175 -19.03 -13.54 -6.37
CA ASN A 175 -19.74 -13.51 -7.64
C ASN A 175 -19.66 -12.15 -8.37
N CYS A 176 -18.91 -11.19 -7.82
CA CYS A 176 -18.79 -9.89 -8.48
C CYS A 176 -17.75 -9.86 -9.58
N THR A 177 -18.06 -9.14 -10.64
CA THR A 177 -17.14 -8.88 -11.73
C THR A 177 -16.88 -7.38 -11.84
N MET A 178 -15.93 -7.01 -12.70
CA MET A 178 -15.65 -5.60 -12.99
C MET A 178 -16.91 -4.84 -13.38
N GLU A 179 -17.83 -5.51 -14.05
CA GLU A 179 -19.12 -4.92 -14.39
C GLU A 179 -19.88 -4.44 -13.15
N ASP A 180 -19.94 -5.32 -12.15
CA ASP A 180 -20.59 -5.00 -10.88
C ASP A 180 -19.88 -3.83 -10.19
N ALA A 181 -18.56 -3.86 -10.20
CA ALA A 181 -17.79 -2.81 -9.54
C ALA A 181 -18.02 -1.44 -10.22
N LYS A 182 -18.03 -1.45 -11.54
CA LYS A 182 -18.30 -0.21 -12.28
C LYS A 182 -19.70 0.35 -12.00
N LEU A 183 -20.70 -0.55 -12.01
CA LEU A 183 -22.08 -0.15 -11.73
C LEU A 183 -22.19 0.44 -10.33
N ALA A 184 -21.52 -0.20 -9.37
CA ALA A 184 -21.52 0.31 -8.00
C ALA A 184 -20.81 1.64 -7.92
N GLN A 185 -19.72 1.82 -8.69
CA GLN A 185 -19.00 3.10 -8.65
C GLN A 185 -19.92 4.22 -9.20
N ASP A 186 -20.65 3.91 -10.26
CA ASP A 186 -21.56 4.88 -10.88
C ASP A 186 -22.61 5.27 -9.86
N PHE A 187 -23.13 4.28 -9.12
CA PHE A 187 -24.08 4.53 -8.03
C PHE A 187 -23.50 5.43 -6.95
N LEU A 188 -22.35 5.00 -6.40
CA LEU A 188 -21.67 5.72 -5.32
C LEU A 188 -21.48 7.19 -5.68
N ASP A 189 -20.91 7.41 -6.87
CA ASP A 189 -20.70 8.75 -7.42
C ASP A 189 -22.03 9.54 -7.46
N SER A 190 -23.09 8.88 -7.93
CA SER A 190 -24.39 9.51 -8.06
C SER A 190 -24.97 9.91 -6.71
N GLN A 191 -24.51 9.26 -5.64
CA GLN A 191 -24.96 9.64 -4.31
C GLN A 191 -23.90 10.45 -3.53
N ASN A 192 -22.84 10.87 -4.22
CA ASN A 192 -21.72 11.60 -3.59
C ASN A 192 -21.22 10.86 -2.34
N LEU A 193 -21.08 9.55 -2.49
CA LEU A 193 -20.72 8.68 -1.38
C LEU A 193 -19.37 8.01 -1.70
N SER A 194 -18.36 8.28 -0.86
CA SER A 194 -16.99 7.78 -1.08
C SER A 194 -16.95 6.28 -1.01
N ALA A 195 -16.18 5.68 -1.90
CA ALA A 195 -16.00 4.23 -1.85
C ALA A 195 -15.03 3.79 -0.73
N TYR A 196 -14.24 4.71 -0.18
CA TYR A 196 -13.06 4.29 0.59
C TYR A 196 -13.36 3.28 1.70
N ASN A 197 -14.40 3.54 2.48
CA ASN A 197 -14.70 2.71 3.66
C ASN A 197 -15.84 1.76 3.38
N THR A 198 -15.91 1.28 2.13
CA THR A 198 -17.02 0.43 1.68
C THR A 198 -16.61 -0.91 1.06
N ARG A 199 -17.55 -1.85 1.11
CA ARG A 199 -17.47 -3.11 0.37
C ARG A 199 -18.76 -3.28 -0.39
N LEU A 200 -18.74 -4.20 -1.35
CA LEU A 200 -19.90 -4.45 -2.23
C LEU A 200 -20.24 -5.92 -2.26
N PHE A 201 -21.46 -6.26 -1.84
CA PHE A 201 -21.92 -7.63 -1.91
C PHE A 201 -23.13 -7.75 -2.81
N LYS A 202 -23.14 -8.79 -3.61
CA LYS A 202 -24.21 -9.03 -4.58
C LYS A 202 -24.85 -10.37 -4.21
N GLU A 203 -26.15 -10.35 -3.89
CA GLU A 203 -26.84 -11.59 -3.58
C GLU A 203 -28.02 -11.71 -4.56
N VAL A 204 -28.40 -12.92 -4.92
CA VAL A 204 -29.54 -13.10 -5.82
C VAL A 204 -30.78 -13.60 -5.04
N ASP A 205 -31.98 -13.24 -5.50
CA ASP A 205 -33.19 -13.73 -4.87
C ASP A 205 -33.59 -15.10 -5.43
N GLY A 206 -34.81 -15.53 -5.15
CA GLY A 206 -35.31 -16.81 -5.65
C GLY A 206 -35.40 -16.88 -7.18
N CYS A 207 -35.46 -15.73 -7.83
CA CYS A 207 -35.58 -15.68 -9.28
C CYS A 207 -34.26 -15.34 -9.95
N GLY A 208 -33.19 -15.31 -9.16
CA GLY A 208 -31.85 -15.07 -9.68
C GLY A 208 -31.58 -13.62 -10.00
N LYS A 209 -32.46 -12.74 -9.54
CA LYS A 209 -32.27 -11.30 -9.68
C LYS A 209 -31.30 -10.80 -8.62
N PRO A 210 -30.20 -10.14 -9.05
CA PRO A 210 -29.21 -9.65 -8.07
C PRO A 210 -29.64 -8.39 -7.33
N TYR A 211 -29.26 -8.36 -6.07
CA TYR A 211 -29.45 -7.22 -5.17
C TYR A 211 -28.06 -6.83 -4.70
N TYR A 212 -27.78 -5.54 -4.62
CA TYR A 212 -26.46 -5.05 -4.21
C TYR A 212 -26.51 -4.45 -2.84
N GLU A 213 -25.52 -4.79 -2.02
CA GLU A 213 -25.36 -4.15 -0.71
C GLU A 213 -24.06 -3.38 -0.72
N VAL A 214 -24.15 -2.08 -0.53
CA VAL A 214 -22.97 -1.26 -0.31
C VAL A 214 -22.80 -1.12 1.20
N ARG A 215 -21.78 -1.77 1.76
CA ARG A 215 -21.68 -1.78 3.23
C ARG A 215 -20.55 -0.87 3.74
N LEU A 216 -20.92 0.08 4.59
CA LEU A 216 -19.96 1.01 5.14
C LEU A 216 -19.33 0.45 6.42
N ALA A 217 -18.08 0.80 6.65
CA ALA A 217 -17.38 0.39 7.87
C ALA A 217 -17.73 1.32 9.04
N SER A 218 -18.20 0.74 10.14
CA SER A 218 -18.55 1.58 11.29
C SER A 218 -18.79 0.75 12.52
N VAL A 219 -18.70 1.39 13.68
CA VAL A 219 -19.09 0.75 14.94
C VAL A 219 -20.63 0.52 14.96
N LEU A 220 -21.35 1.56 14.60
CA LEU A 220 -22.81 1.55 14.67
C LEU A 220 -23.44 0.71 13.55
N GLY A 221 -24.61 0.17 13.82
CA GLY A 221 -25.31 -0.63 12.82
C GLY A 221 -26.54 0.10 12.29
N SER A 222 -27.64 -0.62 12.16
CA SER A 222 -28.85 -0.09 11.53
C SER A 222 -29.69 0.75 12.49
N GLU A 223 -29.38 0.63 13.78
CA GLU A 223 -30.10 1.35 14.81
C GLU A 223 -29.88 2.86 14.66
N PRO A 224 -30.86 3.66 15.09
CA PRO A 224 -30.71 5.10 14.94
C PRO A 224 -29.58 5.65 15.80
N SER A 225 -28.94 6.71 15.31
CA SER A 225 -27.89 7.39 16.06
C SER A 225 -27.98 8.90 15.85
N LEU A 226 -27.20 9.63 16.62
CA LEU A 226 -27.24 11.09 16.64
C LEU A 226 -26.99 11.71 15.26
N ASP A 227 -26.20 11.02 14.46
CA ASP A 227 -25.81 11.48 13.12
C ASP A 227 -27.02 11.53 12.17
N SER A 228 -26.92 12.39 11.17
CA SER A 228 -27.94 12.44 10.13
C SER A 228 -27.32 12.12 8.79
N GLU A 229 -26.10 12.60 8.56
CA GLU A 229 -25.55 12.55 7.23
C GLU A 229 -25.39 11.10 6.73
N VAL A 230 -25.00 10.17 7.60
CA VAL A 230 -24.92 8.76 7.19
C VAL A 230 -26.26 8.05 7.31
N THR A 231 -26.95 8.22 8.43
CA THR A 231 -28.16 7.44 8.66
C THR A 231 -29.23 7.72 7.58
N SER A 232 -29.22 8.93 7.02
CA SER A 232 -30.22 9.27 6.01
C SER A 232 -29.95 8.46 4.74
N LYS A 233 -28.74 7.94 4.61
CA LYS A 233 -28.35 7.18 3.44
C LYS A 233 -28.66 5.70 3.59
N LEU A 234 -28.93 5.25 4.81
CA LEU A 234 -29.13 3.82 5.05
C LEU A 234 -30.54 3.44 4.61
N LYS A 235 -30.66 3.01 3.36
CA LYS A 235 -31.94 2.71 2.76
C LYS A 235 -31.75 1.99 1.44
N SER A 236 -32.85 1.63 0.79
CA SER A 236 -32.72 1.03 -0.52
C SER A 236 -32.89 2.07 -1.61
N TYR A 237 -32.27 1.79 -2.74
CA TYR A 237 -32.27 2.67 -3.89
C TYR A 237 -32.57 1.81 -5.11
N GLU A 238 -33.03 2.45 -6.16
CA GLU A 238 -33.07 1.84 -7.48
C GLU A 238 -32.09 2.58 -8.34
N PHE A 239 -31.19 1.85 -9.01
CA PHE A 239 -30.19 2.48 -9.86
C PHE A 239 -30.02 1.75 -11.18
N ARG A 240 -30.38 2.42 -12.28
CA ARG A 240 -30.38 1.79 -13.62
C ARG A 240 -31.02 0.41 -13.58
N GLY A 241 -32.11 0.29 -12.84
CA GLY A 241 -32.86 -0.94 -12.80
C GLY A 241 -32.37 -1.93 -11.76
N SER A 242 -31.31 -1.58 -11.05
CA SER A 242 -30.72 -2.46 -10.04
C SER A 242 -31.05 -2.00 -8.62
N PRO A 243 -31.45 -2.93 -7.74
CA PRO A 243 -31.71 -2.64 -6.33
C PRO A 243 -30.39 -2.51 -5.56
N PHE A 244 -30.22 -1.38 -4.88
CA PHE A 244 -29.04 -1.10 -4.07
C PHE A 244 -29.48 -0.76 -2.67
N GLN A 245 -28.84 -1.39 -1.70
CA GLN A 245 -29.07 -1.00 -0.32
C GLN A 245 -27.75 -0.53 0.29
N VAL A 246 -27.77 0.62 0.98
CA VAL A 246 -26.61 1.11 1.72
C VAL A 246 -26.81 0.78 3.19
N THR A 247 -25.84 0.05 3.74
CA THR A 247 -25.82 -0.43 5.12
C THR A 247 -24.54 0.02 5.80
N ARG A 248 -24.45 -0.22 7.09
CA ARG A 248 -23.18 0.03 7.78
C ARG A 248 -22.94 -1.05 8.82
N GLY A 249 -21.95 -0.85 9.69
CA GLY A 249 -21.60 -1.85 10.68
C GLY A 249 -20.45 -2.79 10.31
N ASP A 250 -19.77 -2.57 9.18
CA ASP A 250 -18.66 -3.47 8.78
C ASP A 250 -17.54 -3.36 9.82
N TYR A 251 -16.99 -4.50 10.25
CA TYR A 251 -15.91 -4.57 11.24
C TYR A 251 -16.26 -3.93 12.60
N ALA A 252 -17.56 -3.86 12.95
CA ALA A 252 -17.97 -3.02 14.09
C ALA A 252 -17.19 -3.26 15.40
N PRO A 253 -17.03 -4.52 15.85
CA PRO A 253 -16.37 -4.65 17.16
C PRO A 253 -14.85 -4.36 17.14
N ILE A 254 -14.25 -4.39 15.96
CA ILE A 254 -12.86 -3.98 15.78
C ILE A 254 -12.76 -2.47 15.84
N LEU A 255 -13.61 -1.80 15.09
CA LEU A 255 -13.57 -0.35 15.06
C LEU A 255 -13.99 0.20 16.44
N GLN A 256 -14.76 -0.58 17.17
CA GLN A 256 -15.11 -0.18 18.55
C GLN A 256 -13.85 -0.10 19.40
N LYS A 257 -12.96 -1.07 19.26
CA LYS A 257 -11.68 -1.06 19.97
C LYS A 257 -10.83 0.10 19.49
N VAL A 258 -10.84 0.33 18.17
CA VAL A 258 -10.12 1.46 17.62
C VAL A 258 -10.53 2.77 18.28
N VAL A 259 -11.83 3.00 18.30
CA VAL A 259 -12.32 4.28 18.84
C VAL A 259 -12.05 4.38 20.35
N GLU A 260 -12.13 3.28 21.10
CA GLU A 260 -11.79 3.32 22.54
C GLU A 260 -10.41 3.94 22.76
N GLN A 261 -9.47 3.56 21.91
CA GLN A 261 -8.10 3.96 22.07
C GLN A 261 -7.87 5.36 21.53
N LEU A 262 -8.58 5.72 20.47
CA LEU A 262 -8.50 7.10 19.97
C LEU A 262 -9.03 8.07 21.03
N GLU A 263 -10.09 7.67 21.71
CA GLU A 263 -10.63 8.49 22.81
C GLU A 263 -9.59 8.71 23.90
N LYS A 264 -8.91 7.63 24.30
CA LYS A 264 -7.88 7.74 25.34
C LYS A 264 -6.70 8.55 24.89
N ALA A 265 -6.32 8.44 23.62
CA ALA A 265 -5.24 9.28 23.10
C ALA A 265 -5.59 10.75 23.18
N LYS A 266 -6.87 11.06 22.97
CA LYS A 266 -7.31 12.46 22.98
C LYS A 266 -6.97 13.14 24.31
N ALA A 267 -6.95 12.37 25.40
CA ALA A 267 -6.57 12.93 26.69
C ALA A 267 -5.13 13.48 26.70
N TYR A 268 -4.29 12.97 25.80
CA TYR A 268 -2.88 13.35 25.76
C TYR A 268 -2.50 14.17 24.53
N ALA A 269 -3.51 14.62 23.80
CA ALA A 269 -3.26 15.44 22.62
C ALA A 269 -2.41 16.67 22.97
N ALA A 270 -1.54 17.07 22.07
CA ALA A 270 -0.63 18.18 22.33
C ALA A 270 -1.26 19.54 22.10
N ASN A 271 -2.31 19.57 21.27
CA ASN A 271 -2.93 20.82 20.87
C ASN A 271 -4.33 20.57 20.34
N SER A 272 -5.06 21.65 20.07
CA SER A 272 -6.47 21.52 19.73
C SER A 272 -6.70 20.94 18.33
N HIS A 273 -5.74 21.08 17.44
CA HIS A 273 -5.83 20.43 16.12
C HIS A 273 -5.86 18.90 16.28
N GLN A 274 -4.94 18.40 17.09
CA GLN A 274 -4.93 16.98 17.43
C GLN A 274 -6.19 16.53 18.12
N GLY A 275 -6.70 17.29 19.08
CA GLY A 275 -7.94 16.92 19.74
C GLY A 275 -9.12 16.88 18.77
N GLN A 276 -9.24 17.88 17.91
CA GLN A 276 -10.34 17.91 16.97
C GLN A 276 -10.20 16.86 15.88
N MET A 277 -8.98 16.65 15.39
CA MET A 277 -8.81 15.63 14.36
C MET A 277 -9.21 14.26 14.92
N LEU A 278 -8.84 13.96 16.16
CA LEU A 278 -9.17 12.65 16.76
C LEU A 278 -10.68 12.54 16.98
N ALA A 279 -11.31 13.64 17.40
CA ALA A 279 -12.77 13.62 17.49
C ALA A 279 -13.41 13.31 16.14
N GLN A 280 -12.90 13.88 15.07
CA GLN A 280 -13.52 13.62 13.77
C GLN A 280 -13.30 12.17 13.30
N TYR A 281 -12.10 11.62 13.55
CA TYR A 281 -11.87 10.20 13.20
C TYR A 281 -12.80 9.32 14.01
N ILE A 282 -12.95 9.64 15.28
CA ILE A 282 -13.89 8.88 16.09
C ILE A 282 -15.28 8.93 15.45
N GLU A 283 -15.71 10.11 15.01
CA GLU A 283 -17.03 10.20 14.35
C GLU A 283 -17.05 9.36 13.07
N SER A 284 -15.99 9.43 12.29
CA SER A 284 -15.89 8.68 11.04
C SER A 284 -16.03 7.18 11.28
N PHE A 285 -15.29 6.66 12.26
CA PHE A 285 -15.31 5.22 12.49
C PHE A 285 -16.57 4.77 13.22
N THR A 286 -17.18 5.68 13.98
CA THR A 286 -18.37 5.31 14.73
C THR A 286 -19.59 5.30 13.80
N GLN A 287 -19.72 6.34 12.98
CA GLN A 287 -20.91 6.51 12.11
C GLN A 287 -20.77 5.90 10.72
N GLY A 288 -19.54 5.78 10.20
CA GLY A 288 -19.30 5.31 8.84
C GLY A 288 -19.17 6.44 7.83
N SER A 289 -18.77 7.61 8.32
CA SER A 289 -18.77 8.86 7.54
C SER A 289 -17.37 9.23 7.00
N ILE A 290 -17.18 9.16 5.69
CA ILE A 290 -15.92 9.64 5.10
C ILE A 290 -15.86 11.18 5.17
N GLU A 291 -17.01 11.85 5.08
CA GLU A 291 -16.99 13.31 5.28
C GLU A 291 -16.37 13.69 6.63
N ALA A 292 -16.69 12.92 7.67
CA ALA A 292 -16.05 13.14 8.98
C ALA A 292 -14.55 12.87 8.92
N HIS A 293 -14.14 11.84 8.19
CA HIS A 293 -12.72 11.56 8.06
C HIS A 293 -12.05 12.71 7.35
N LYS A 294 -12.73 13.30 6.37
CA LYS A 294 -12.17 14.44 5.68
C LYS A 294 -12.01 15.63 6.61
N ARG A 295 -13.01 15.89 7.45
CA ARG A 295 -12.88 16.98 8.41
C ARG A 295 -11.67 16.74 9.34
N GLY A 296 -11.51 15.49 9.79
CA GLY A 296 -10.42 15.12 10.67
C GLY A 296 -9.13 15.35 9.94
N SER A 297 -9.10 14.96 8.68
CA SER A 297 -7.88 15.11 7.86
C SER A 297 -7.47 16.58 7.68
N ARG A 298 -8.47 17.46 7.56
CA ARG A 298 -8.20 18.90 7.50
C ARG A 298 -7.51 19.40 8.75
N PHE A 299 -8.03 19.04 9.93
CA PHE A 299 -7.36 19.37 11.18
C PHE A 299 -5.96 18.80 11.22
N TRP A 300 -5.76 17.64 10.60
CA TRP A 300 -4.47 16.96 10.67
C TRP A 300 -3.44 17.71 9.82
N ILE A 301 -3.84 18.14 8.64
CA ILE A 301 -2.94 18.96 7.82
C ILE A 301 -2.55 20.26 8.57
N GLN A 302 -3.46 20.77 9.39
CA GLN A 302 -3.22 22.03 10.10
C GLN A 302 -2.29 21.84 11.28
N ASP A 303 -2.12 20.60 11.72
CA ASP A 303 -1.19 20.29 12.81
C ASP A 303 0.23 20.17 12.28
N LYS A 304 0.96 21.27 12.34
CA LYS A 304 2.28 21.34 11.74
C LYS A 304 3.39 20.89 12.69
N GLY A 305 4.29 20.06 12.16
CA GLY A 305 5.47 19.59 12.87
C GLY A 305 5.25 19.01 14.26
N PRO A 306 4.29 18.08 14.39
CA PRO A 306 4.08 17.48 15.71
C PRO A 306 5.24 16.56 16.06
N ILE A 307 5.50 16.37 17.35
CA ILE A 307 6.50 15.44 17.78
C ILE A 307 6.06 14.00 17.45
N VAL A 308 4.81 13.68 17.74
CA VAL A 308 4.23 12.38 17.40
C VAL A 308 3.28 12.58 16.23
N GLU A 309 3.66 12.06 15.07
CA GLU A 309 2.83 12.17 13.88
C GLU A 309 2.04 10.88 13.70
N SER A 310 0.85 10.99 13.12
CA SER A 310 0.00 9.81 12.95
C SER A 310 -1.03 10.02 11.85
N TYR A 311 -1.57 8.93 11.33
CA TYR A 311 -2.71 8.97 10.43
C TYR A 311 -3.35 7.57 10.48
N ILE A 312 -4.64 7.50 10.20
CA ILE A 312 -5.37 6.26 10.41
C ILE A 312 -6.67 6.26 9.61
N GLY A 313 -7.02 5.11 9.03
CA GLY A 313 -8.30 4.98 8.36
C GLY A 313 -8.16 4.13 7.11
N PHE A 314 -9.17 4.20 6.26
CA PHE A 314 -9.23 3.38 5.05
C PHE A 314 -8.57 4.19 3.94
N ILE A 315 -7.23 4.22 3.95
CA ILE A 315 -6.56 5.32 3.28
C ILE A 315 -6.27 5.06 1.81
N GLU A 316 -5.51 4.00 1.51
CA GLU A 316 -5.02 3.77 0.15
C GLU A 316 -5.84 2.73 -0.59
N SER A 317 -5.94 2.88 -1.92
CA SER A 317 -6.79 2.04 -2.74
C SER A 317 -5.99 1.26 -3.78
N TYR A 318 -4.82 0.79 -3.36
CA TYR A 318 -3.99 -0.10 -4.20
C TYR A 318 -4.56 -1.50 -4.32
N ARG A 319 -5.25 -1.99 -3.29
CA ARG A 319 -5.52 -3.42 -3.33
C ARG A 319 -6.93 -3.77 -3.74
N ASP A 320 -7.84 -2.81 -3.73
CA ASP A 320 -9.15 -3.01 -4.32
C ASP A 320 -8.93 -3.29 -5.82
N PRO A 321 -9.40 -4.45 -6.33
CA PRO A 321 -9.23 -4.74 -7.77
C PRO A 321 -9.84 -3.65 -8.66
N PHE A 322 -10.87 -2.97 -8.17
CA PHE A 322 -11.47 -1.90 -8.97
C PHE A 322 -10.69 -0.58 -8.80
N GLY A 323 -10.11 -0.37 -7.61
CA GLY A 323 -9.20 0.74 -7.35
C GLY A 323 -9.75 1.97 -6.62
N SER A 324 -10.90 1.85 -5.97
CA SER A 324 -11.44 2.98 -5.24
C SER A 324 -11.66 2.76 -3.74
N ARG A 325 -11.68 1.51 -3.29
CA ARG A 325 -11.89 1.22 -1.87
C ARG A 325 -10.58 1.20 -1.10
N GLY A 326 -10.63 1.60 0.18
CA GLY A 326 -9.44 1.81 0.99
C GLY A 326 -9.15 0.61 1.86
N GLU A 327 -7.87 0.23 1.97
CA GLU A 327 -7.46 -0.78 2.94
C GLU A 327 -7.13 -0.08 4.25
N PHE A 328 -7.54 -0.66 5.37
CA PHE A 328 -7.23 0.01 6.65
C PHE A 328 -5.74 0.05 6.91
N GLU A 329 -5.29 1.17 7.46
CA GLU A 329 -3.91 1.30 7.94
C GLU A 329 -3.91 2.31 9.07
N GLY A 330 -2.88 2.28 9.90
CA GLY A 330 -2.68 3.39 10.83
C GLY A 330 -1.22 3.47 11.19
N PHE A 331 -0.68 4.67 11.38
CA PHE A 331 0.72 4.72 11.78
C PHE A 331 0.94 5.73 12.86
N VAL A 332 2.04 5.54 13.58
CA VAL A 332 2.51 6.46 14.60
C VAL A 332 4.00 6.58 14.41
N ALA A 333 4.49 7.79 14.32
CA ALA A 333 5.89 8.00 13.98
C ALA A 333 6.41 9.25 14.70
N VAL A 334 7.70 9.28 14.98
CA VAL A 334 8.28 10.36 15.77
C VAL A 334 9.14 11.25 14.90
N VAL A 335 9.02 12.56 15.06
CA VAL A 335 9.74 13.48 14.16
C VAL A 335 11.23 13.28 14.33
N ASN A 336 11.96 13.36 13.22
CA ASN A 336 13.41 13.33 13.25
C ASN A 336 13.90 14.65 12.68
N LYS A 337 14.27 15.57 13.57
CA LYS A 337 14.64 16.94 13.20
C LYS A 337 15.80 17.00 12.20
N ALA A 338 16.86 16.25 12.47
CA ALA A 338 18.04 16.24 11.61
C ALA A 338 17.75 15.76 10.19
N MET A 339 17.18 14.57 10.05
CA MET A 339 16.89 13.99 8.74
C MET A 339 15.83 14.81 7.97
N SER A 340 15.00 15.54 8.70
CA SER A 340 13.97 16.39 8.10
C SER A 340 14.58 17.57 7.32
N ALA A 341 15.76 18.01 7.74
CA ALA A 341 16.44 19.18 7.18
C ALA A 341 16.50 19.24 5.64
N LYS A 342 17.01 18.18 5.01
CA LYS A 342 17.11 18.13 3.54
C LYS A 342 15.75 18.42 2.87
N PHE A 343 14.67 17.85 3.42
CA PHE A 343 13.34 18.02 2.81
C PHE A 343 12.73 19.40 3.08
N GLU A 344 13.14 20.04 4.17
CA GLU A 344 12.69 21.40 4.48
C GLU A 344 13.23 22.43 3.48
N ARG A 345 14.46 22.23 3.00
CA ARG A 345 15.01 23.14 2.01
C ARG A 345 14.61 22.75 0.59
N LEU A 346 14.21 21.50 0.38
CA LEU A 346 13.58 21.13 -0.88
C LEU A 346 12.33 21.97 -1.01
N VAL A 347 11.66 22.18 0.11
CA VAL A 347 10.49 23.05 0.16
C VAL A 347 10.88 24.49 -0.20
N ALA A 348 12.18 24.81 -0.06
CA ALA A 348 12.69 26.16 -0.32
C ALA A 348 12.97 26.43 -1.81
N SER A 349 12.89 25.39 -2.64
CA SER A 349 13.10 25.58 -4.07
C SER A 349 12.00 24.88 -4.85
N ALA A 350 10.95 24.49 -4.14
CA ALA A 350 9.87 23.69 -4.72
C ALA A 350 9.02 24.48 -5.72
N GLU A 351 8.43 25.58 -5.24
CA GLU A 351 7.57 26.44 -6.05
C GLU A 351 8.24 26.83 -7.37
N GLN A 352 9.56 27.00 -7.32
CA GLN A 352 10.37 27.25 -8.49
C GLN A 352 10.50 26.00 -9.35
N LEU A 353 10.92 24.89 -8.75
CA LEU A 353 11.15 23.64 -9.49
C LEU A 353 9.90 23.14 -10.20
N LEU A 354 8.73 23.41 -9.62
CA LEU A 354 7.44 23.09 -10.24
C LEU A 354 7.32 23.66 -11.65
N LYS A 355 7.88 24.85 -11.85
CA LYS A 355 7.84 25.55 -13.14
C LYS A 355 8.68 24.84 -14.19
N GLU A 356 9.56 23.97 -13.73
CA GLU A 356 10.43 23.22 -14.63
C GLU A 356 9.79 21.95 -15.20
N LEU A 357 8.60 21.61 -14.74
CA LEU A 357 7.93 20.40 -15.24
C LEU A 357 7.31 20.68 -16.62
N PRO A 358 7.21 19.65 -17.46
CA PRO A 358 6.88 19.81 -18.89
C PRO A 358 5.43 20.11 -19.21
N TRP A 359 4.69 20.76 -18.32
CA TRP A 359 3.37 21.22 -18.69
C TRP A 359 3.24 22.70 -18.37
N PRO A 360 2.30 23.38 -19.04
CA PRO A 360 2.04 24.81 -18.83
C PRO A 360 1.53 25.08 -17.43
N PRO A 361 1.71 26.31 -16.94
CA PRO A 361 1.23 26.71 -15.61
C PRO A 361 -0.28 26.56 -15.48
N THR A 362 -0.99 26.52 -16.61
CA THR A 362 -2.44 26.37 -16.60
C THR A 362 -2.88 24.95 -16.18
N PHE A 363 -1.93 24.00 -16.24
CA PHE A 363 -2.20 22.63 -15.79
C PHE A 363 -1.65 22.40 -14.38
N GLU A 364 -1.24 23.48 -13.73
CA GLU A 364 -0.70 23.42 -12.38
C GLU A 364 -1.66 24.09 -11.42
N LYS A 365 -1.60 23.70 -10.14
CA LYS A 365 -2.51 24.24 -9.13
C LYS A 365 -2.48 25.76 -9.08
N ASP A 366 -3.66 26.35 -8.92
CA ASP A 366 -3.81 27.79 -8.76
C ASP A 366 -2.84 28.37 -7.72
N LYS A 367 -3.06 28.00 -6.45
CA LYS A 367 -2.23 28.49 -5.35
C LYS A 367 -1.17 27.47 -4.92
N PHE A 368 0.08 27.90 -4.83
CA PHE A 368 1.13 27.06 -4.26
C PHE A 368 1.09 27.11 -2.74
N LEU A 369 0.60 26.04 -2.12
CA LEU A 369 0.51 26.00 -0.65
C LEU A 369 1.87 25.60 -0.07
N THR A 370 2.25 26.26 1.02
CA THR A 370 3.57 26.05 1.62
C THR A 370 3.69 24.62 2.15
N PRO A 371 4.61 23.85 1.56
CA PRO A 371 4.80 22.40 1.75
C PRO A 371 5.22 21.99 3.16
N ASP A 372 4.74 20.80 3.52
CA ASP A 372 5.04 20.17 4.79
C ASP A 372 5.73 18.86 4.51
N PHE A 373 7.03 18.81 4.78
CA PHE A 373 7.81 17.63 4.46
C PHE A 373 8.70 17.30 5.66
N THR A 374 8.46 16.15 6.26
CA THR A 374 9.23 15.73 7.44
C THR A 374 9.80 14.32 7.27
N SER A 375 10.88 14.04 7.98
CA SER A 375 11.37 12.67 8.11
C SER A 375 11.00 12.12 9.48
N LEU A 376 10.34 10.97 9.52
CA LEU A 376 9.85 10.38 10.77
C LEU A 376 10.44 8.99 11.02
N ASP A 377 10.50 8.60 12.29
CA ASP A 377 10.87 7.24 12.64
C ASP A 377 9.63 6.52 13.12
N VAL A 378 9.27 5.47 12.37
CA VAL A 378 8.08 4.69 12.71
C VAL A 378 8.21 3.99 14.07
N LEU A 379 7.16 4.11 14.91
CA LEU A 379 6.93 3.23 16.05
C LEU A 379 5.94 2.12 15.69
N THR A 380 4.92 2.49 14.93
CA THR A 380 3.85 1.59 14.54
C THR A 380 3.44 1.88 13.10
N PHE A 381 3.47 0.88 12.23
CA PHE A 381 2.77 1.03 10.96
C PHE A 381 1.93 -0.21 10.74
N ALA A 382 0.65 -0.11 11.11
CA ALA A 382 -0.26 -1.23 11.10
C ALA A 382 -0.96 -1.36 9.77
N GLY A 383 -1.31 -2.61 9.46
CA GLY A 383 -1.91 -2.94 8.17
C GLY A 383 -1.09 -3.92 7.36
N SER A 384 -1.26 -3.92 6.03
CA SER A 384 -0.67 -4.98 5.20
C SER A 384 0.83 -4.80 4.94
N GLY A 385 1.34 -3.58 5.08
CA GLY A 385 2.75 -3.36 4.78
C GLY A 385 3.22 -2.00 5.24
N ILE A 386 4.53 -1.80 5.29
CA ILE A 386 5.09 -0.54 5.74
C ILE A 386 5.75 0.13 4.56
N PRO A 387 5.28 1.31 4.19
CA PRO A 387 5.91 2.06 3.09
C PRO A 387 7.16 2.80 3.57
N ALA A 388 7.98 3.27 2.62
CA ALA A 388 9.19 4.01 2.95
C ALA A 388 8.91 5.50 3.03
N GLY A 389 7.83 5.92 2.41
CA GLY A 389 7.38 7.28 2.39
C GLY A 389 5.89 7.36 2.10
N ILE A 390 5.22 8.38 2.60
CA ILE A 390 3.80 8.56 2.34
C ILE A 390 3.54 10.00 1.91
N ASN A 391 2.49 10.22 1.14
CA ASN A 391 2.06 11.51 0.69
C ASN A 391 0.55 11.50 0.86
N ILE A 392 0.07 12.21 1.85
CA ILE A 392 -1.33 12.16 2.22
C ILE A 392 -1.87 13.48 2.79
N PRO A 393 -3.19 13.65 2.93
CA PRO A 393 -4.30 12.74 2.59
C PRO A 393 -4.49 12.56 1.10
N ASN A 394 -5.37 11.65 0.71
CA ASN A 394 -5.59 11.40 -0.72
C ASN A 394 -6.74 12.22 -1.26
N TYR A 395 -7.42 12.94 -0.38
CA TYR A 395 -8.62 13.68 -0.78
C TYR A 395 -8.20 14.89 -1.60
N ASP A 396 -8.44 14.85 -2.91
CA ASP A 396 -7.91 15.92 -3.75
C ASP A 396 -8.50 17.30 -3.44
N ASP A 397 -9.77 17.34 -3.02
CA ASP A 397 -10.34 18.64 -2.65
C ASP A 397 -9.58 19.23 -1.46
N LEU A 398 -9.19 18.40 -0.49
CA LEU A 398 -8.32 18.88 0.58
C LEU A 398 -6.94 19.29 0.09
N ARG A 399 -6.37 18.50 -0.83
CA ARG A 399 -5.01 18.72 -1.31
C ARG A 399 -4.83 20.09 -1.95
N GLN A 400 -5.89 20.61 -2.56
CA GLN A 400 -5.82 21.90 -3.25
C GLN A 400 -6.20 23.08 -2.35
N THR A 401 -7.03 22.86 -1.33
CA THR A 401 -7.49 23.98 -0.51
C THR A 401 -6.80 24.07 0.86
N GLU A 402 -6.42 22.91 1.42
CA GLU A 402 -5.71 22.92 2.69
C GLU A 402 -4.24 22.59 2.50
N GLY A 403 -3.96 21.63 1.63
CA GLY A 403 -2.60 21.16 1.45
C GLY A 403 -2.46 19.69 1.79
N PHE A 404 -1.25 19.25 2.04
CA PHE A 404 -0.97 17.84 2.26
C PHE A 404 0.38 17.69 2.91
N LYS A 405 0.66 16.51 3.45
CA LYS A 405 1.88 16.27 4.16
C LYS A 405 2.68 15.23 3.39
N ASN A 406 3.98 15.48 3.32
CA ASN A 406 4.91 14.53 2.76
C ASN A 406 5.73 13.97 3.90
N VAL A 407 5.79 12.66 3.99
CA VAL A 407 6.49 12.05 5.08
C VAL A 407 7.51 11.12 4.44
N SER A 408 8.73 11.10 4.98
CA SER A 408 9.70 10.07 4.62
C SER A 408 9.99 9.28 5.89
N LEU A 409 9.89 7.96 5.82
CA LEU A 409 10.06 7.16 7.03
C LEU A 409 11.51 6.67 7.16
N GLY A 410 12.31 7.40 7.92
CA GLY A 410 13.74 7.17 7.93
C GLY A 410 14.23 5.81 8.40
N ASN A 411 13.61 5.27 9.43
CA ASN A 411 14.07 3.98 9.94
C ASN A 411 13.53 2.81 9.09
N VAL A 412 12.67 3.13 8.12
CA VAL A 412 12.21 2.13 7.17
C VAL A 412 13.14 2.17 5.95
N LEU A 413 13.42 3.38 5.48
CA LEU A 413 14.47 3.60 4.48
C LEU A 413 15.74 2.82 4.82
N ALA A 414 16.15 2.90 6.08
CA ALA A 414 17.37 2.23 6.55
C ALA A 414 17.34 0.74 6.21
N VAL A 415 16.24 0.07 6.55
CA VAL A 415 16.08 -1.32 6.19
C VAL A 415 16.20 -1.56 4.70
N ALA A 416 15.54 -0.72 3.90
CA ALA A 416 15.51 -0.89 2.44
C ALA A 416 16.87 -0.67 1.78
N TYR A 417 17.86 -0.23 2.57
CA TYR A 417 19.22 -0.02 2.09
C TYR A 417 20.05 -1.31 2.22
N ALA A 418 19.45 -2.43 1.88
CA ALA A 418 20.14 -3.71 1.94
C ALA A 418 20.39 -4.25 0.54
N THR A 419 21.65 -4.23 0.11
CA THR A 419 22.01 -4.69 -1.22
C THR A 419 23.43 -5.21 -1.32
N GLN A 420 23.58 -6.52 -1.46
CA GLN A 420 24.88 -7.13 -1.69
C GLN A 420 25.17 -7.06 -3.18
N ARG A 421 26.41 -7.36 -3.55
CA ARG A 421 26.80 -7.39 -4.95
C ARG A 421 26.17 -8.58 -5.68
N GLU A 422 26.08 -9.72 -4.99
CA GLU A 422 25.51 -10.93 -5.57
C GLU A 422 24.03 -10.75 -5.88
N LYS A 423 23.35 -9.99 -5.02
CA LYS A 423 21.93 -9.75 -5.19
C LYS A 423 21.66 -8.65 -6.23
N LEU A 424 22.73 -8.06 -6.76
CA LEU A 424 22.59 -7.03 -7.79
C LEU A 424 22.46 -7.63 -9.18
N THR A 425 21.33 -8.29 -9.42
CA THR A 425 21.15 -9.02 -10.67
C THR A 425 21.00 -8.10 -11.88
N PHE A 426 21.37 -8.65 -13.03
CA PHE A 426 21.13 -8.05 -14.35
C PHE A 426 22.01 -6.83 -14.64
N LEU A 427 23.00 -6.60 -13.79
CA LEU A 427 23.94 -5.50 -14.04
C LEU A 427 25.29 -6.03 -14.48
N GLU A 428 25.90 -5.34 -15.44
CA GLU A 428 27.29 -5.61 -15.81
C GLU A 428 28.19 -5.25 -14.63
N GLU A 429 29.41 -5.77 -14.63
CA GLU A 429 30.28 -5.70 -13.45
C GLU A 429 30.49 -4.28 -12.90
N ASP A 430 30.98 -3.37 -13.72
CA ASP A 430 31.28 -2.00 -13.28
C ASP A 430 30.04 -1.21 -12.84
N ASP A 431 28.89 -1.56 -13.39
CA ASP A 431 27.65 -0.89 -13.01
C ASP A 431 27.28 -1.26 -11.56
N LYS A 432 27.66 -2.48 -11.15
CA LYS A 432 27.34 -2.94 -9.79
C LYS A 432 28.00 -2.05 -8.73
N ASP A 433 29.24 -1.64 -9.00
CA ASP A 433 30.00 -0.82 -8.06
C ASP A 433 29.30 0.50 -7.77
N LEU A 434 28.96 1.22 -8.84
CA LEU A 434 28.29 2.50 -8.70
C LEU A 434 26.99 2.36 -7.93
N TYR A 435 26.29 1.25 -8.18
CA TYR A 435 25.00 1.02 -7.57
C TYR A 435 25.08 1.01 -6.04
N ILE A 436 26.09 0.33 -5.51
CA ILE A 436 26.26 0.18 -4.05
C ILE A 436 26.66 1.50 -3.41
N LEU A 437 27.38 2.32 -4.17
CA LEU A 437 27.75 3.66 -3.73
C LEU A 437 26.55 4.60 -3.60
N TRP A 438 25.78 4.70 -4.69
CA TRP A 438 24.73 5.69 -4.76
C TRP A 438 23.26 5.42 -4.59
N LYS A 439 22.87 4.18 -4.53
CA LYS A 439 21.47 3.90 -4.46
C LYS A 439 20.86 4.62 -3.23
N GLY A 440 21.58 4.61 -2.12
CA GLY A 440 21.06 5.24 -0.93
C GLY A 440 20.90 6.72 -1.16
N PRO A 441 21.90 7.35 -1.70
CA PRO A 441 21.80 8.79 -1.91
C PRO A 441 20.66 9.19 -2.81
N SER A 442 20.52 8.48 -3.92
CA SER A 442 19.52 8.79 -4.90
C SER A 442 18.11 8.65 -4.37
N PHE A 443 17.93 7.76 -3.44
CA PHE A 443 16.61 7.51 -2.94
C PHE A 443 15.97 8.75 -2.39
N ASP A 444 16.72 9.55 -1.65
CA ASP A 444 16.17 10.77 -1.13
C ASP A 444 15.92 11.64 -2.32
N VAL A 445 16.84 11.67 -3.25
CA VAL A 445 16.63 12.47 -4.45
C VAL A 445 15.33 12.08 -5.14
N GLN A 446 15.15 10.79 -5.34
CA GLN A 446 13.99 10.30 -6.07
C GLN A 446 12.73 10.44 -5.22
N VAL A 447 12.79 10.03 -3.94
CA VAL A 447 11.60 10.09 -3.08
C VAL A 447 11.22 11.53 -2.72
N GLY A 448 12.22 12.40 -2.60
CA GLY A 448 11.95 13.81 -2.39
C GLY A 448 11.08 14.39 -3.50
N LEU A 449 11.56 14.21 -4.73
CA LEU A 449 10.87 14.72 -5.91
C LEU A 449 9.55 13.99 -6.11
N HIS A 450 9.56 12.68 -5.87
CA HIS A 450 8.39 11.83 -6.02
C HIS A 450 7.19 12.31 -5.20
N ALA A 451 7.38 12.62 -3.94
CA ALA A 451 6.22 13.00 -3.13
C ALA A 451 5.84 14.48 -3.32
N LEU A 452 6.81 15.36 -3.17
CA LEU A 452 6.55 16.80 -3.16
C LEU A 452 6.16 17.33 -4.53
N LEU A 453 7.05 17.11 -5.47
CA LEU A 453 6.85 17.54 -6.83
C LEU A 453 6.08 16.53 -7.66
N GLY A 454 6.11 15.27 -7.28
CA GLY A 454 5.41 14.26 -8.03
C GLY A 454 3.96 14.20 -7.67
N HIS A 455 3.60 13.62 -6.54
CA HIS A 455 2.20 13.57 -6.18
C HIS A 455 1.65 14.95 -5.91
N GLY A 456 2.48 15.85 -5.46
CA GLY A 456 2.05 17.19 -5.07
C GLY A 456 1.74 18.16 -6.22
N SER A 457 2.07 17.75 -7.44
CA SER A 457 1.93 18.63 -8.62
C SER A 457 0.74 18.25 -9.50
N GLY A 458 0.32 19.21 -10.31
CA GLY A 458 -0.77 18.97 -11.25
C GLY A 458 -2.13 19.39 -10.72
N LYS A 459 -2.89 20.00 -11.61
CA LYS A 459 -4.24 20.47 -11.30
C LYS A 459 -5.27 19.53 -11.90
N LEU A 460 -6.37 19.32 -11.19
CA LEU A 460 -7.51 18.63 -11.76
C LEU A 460 -8.54 19.65 -12.27
N PHE A 461 -8.94 19.53 -13.54
CA PHE A 461 -9.93 20.44 -14.13
C PHE A 461 -11.33 20.01 -13.74
N VAL A 462 -12.05 20.89 -13.05
CA VAL A 462 -13.37 20.57 -12.52
C VAL A 462 -14.47 21.55 -12.93
N GLN A 463 -15.62 21.00 -13.31
CA GLN A 463 -16.82 21.74 -13.63
C GLN A 463 -17.76 21.49 -12.48
N ASP A 464 -18.25 22.54 -11.87
CA ASP A 464 -19.17 22.42 -10.75
C ASP A 464 -20.60 22.20 -11.23
N GLU A 465 -21.54 22.11 -10.30
CA GLU A 465 -22.94 21.88 -10.66
C GLU A 465 -23.40 23.03 -11.54
N LYS A 466 -22.90 24.22 -11.22
CA LYS A 466 -23.12 25.41 -12.03
C LYS A 466 -22.06 25.06 -13.03
N GLY A 467 -22.31 25.18 -14.32
CA GLY A 467 -21.31 24.78 -15.28
C GLY A 467 -20.21 25.78 -15.26
N ALA A 468 -19.66 26.02 -14.07
CA ALA A 468 -18.57 26.94 -13.89
C ALA A 468 -17.28 26.21 -13.52
N PHE A 469 -16.30 26.35 -14.38
CA PHE A 469 -15.00 25.75 -14.24
C PHE A 469 -14.01 26.37 -13.25
N ASN A 470 -13.04 25.58 -12.79
CA ASN A 470 -12.01 25.99 -11.82
C ASN A 470 -10.78 26.39 -12.53
N PHE A 471 -10.96 26.66 -13.79
CA PHE A 471 -9.92 27.08 -14.69
C PHE A 471 -10.55 27.96 -15.74
N ASP A 472 -9.73 28.56 -16.58
CA ASP A 472 -10.24 29.45 -17.58
C ASP A 472 -10.49 28.68 -18.84
N GLN A 473 -11.72 28.24 -19.02
CA GLN A 473 -12.11 27.44 -20.16
C GLN A 473 -11.85 28.19 -21.44
N GLU A 474 -11.97 29.50 -21.36
CA GLU A 474 -11.73 30.37 -22.49
C GLU A 474 -10.31 30.44 -23.02
N THR A 475 -9.30 30.42 -22.18
CA THR A 475 -7.94 30.64 -22.67
C THR A 475 -6.98 29.45 -22.47
N VAL A 476 -7.32 28.51 -21.60
CA VAL A 476 -6.46 27.35 -21.41
C VAL A 476 -6.46 26.48 -22.66
N ILE A 477 -5.26 26.16 -23.13
CA ILE A 477 -5.12 25.38 -24.35
C ILE A 477 -4.40 24.06 -24.02
N ASN A 478 -4.97 22.97 -24.53
CA ASN A 478 -4.36 21.64 -24.46
C ASN A 478 -3.10 21.58 -25.35
N PRO A 479 -1.91 21.51 -24.73
CA PRO A 479 -0.67 21.61 -25.50
C PRO A 479 -0.45 20.44 -26.47
N GLU A 480 -1.19 19.35 -26.31
CA GLU A 480 -1.04 18.22 -27.24
C GLU A 480 -1.84 18.38 -28.52
N THR A 481 -3.02 18.99 -28.41
CA THR A 481 -3.94 19.04 -29.54
C THR A 481 -4.08 20.47 -30.10
N GLY A 482 -3.69 21.45 -29.28
CA GLY A 482 -3.80 22.86 -29.65
C GLY A 482 -5.20 23.41 -29.43
N GLU A 483 -6.11 22.54 -28.96
CA GLU A 483 -7.53 22.89 -28.78
C GLU A 483 -7.84 23.35 -27.35
N GLN A 484 -8.99 24.00 -27.16
CA GLN A 484 -9.45 24.30 -25.81
C GLN A 484 -9.83 22.99 -25.12
N ILE A 485 -9.85 23.01 -23.80
CA ILE A 485 -10.14 21.80 -23.03
C ILE A 485 -11.56 21.32 -23.30
N GLN A 486 -11.71 20.05 -23.66
CA GLN A 486 -13.03 19.50 -23.94
C GLN A 486 -13.52 18.47 -22.89
N SER A 487 -12.69 18.11 -21.92
CA SER A 487 -13.19 17.23 -20.85
C SER A 487 -12.60 17.58 -19.49
N TRP A 488 -13.29 17.15 -18.44
CA TRP A 488 -12.95 17.54 -17.09
C TRP A 488 -13.64 16.63 -16.08
N TYR A 489 -13.38 16.88 -14.80
CA TYR A 489 -14.06 16.14 -13.75
C TYR A 489 -15.33 16.87 -13.33
N ARG A 490 -16.40 16.12 -13.10
CA ARG A 490 -17.65 16.68 -12.62
C ARG A 490 -17.79 16.43 -11.14
N CYS A 491 -18.87 16.93 -10.55
CA CYS A 491 -19.10 16.77 -9.12
C CYS A 491 -19.17 15.30 -8.70
N GLY A 492 -18.50 14.98 -7.60
CA GLY A 492 -18.55 13.63 -7.07
C GLY A 492 -17.59 12.67 -7.73
N GLU A 493 -16.94 13.09 -8.82
CA GLU A 493 -15.93 12.28 -9.48
C GLU A 493 -14.56 12.54 -8.85
N THR A 494 -13.79 11.47 -8.73
CA THR A 494 -12.42 11.52 -8.22
C THR A 494 -11.47 10.87 -9.19
N TRP A 495 -10.17 11.05 -8.93
CA TRP A 495 -9.11 10.35 -9.66
C TRP A 495 -9.32 8.84 -9.71
N ASP A 496 -9.54 8.25 -8.53
CA ASP A 496 -9.84 6.82 -8.42
C ASP A 496 -11.15 6.44 -9.11
N SER A 497 -12.22 7.23 -9.01
CA SER A 497 -13.46 6.79 -9.62
C SER A 497 -13.35 6.82 -11.15
N LYS A 498 -12.62 7.80 -11.69
CA LYS A 498 -12.54 7.98 -13.15
C LYS A 498 -11.56 6.99 -13.77
N PHE A 499 -10.39 6.84 -13.18
CA PHE A 499 -9.37 5.96 -13.74
C PHE A 499 -9.33 4.55 -13.11
N SER A 500 -10.16 4.31 -12.10
CA SER A 500 -10.34 2.98 -11.50
C SER A 500 -9.10 2.06 -11.54
N THR A 501 -9.10 1.04 -12.39
CA THR A 501 -8.09 -0.01 -12.29
C THR A 501 -6.64 0.47 -12.57
N ILE A 502 -6.47 1.60 -13.27
CA ILE A 502 -5.11 2.08 -13.51
C ILE A 502 -4.78 3.33 -12.69
N ALA A 503 -5.72 3.81 -11.89
CA ALA A 503 -5.52 5.06 -11.17
C ALA A 503 -4.23 5.05 -10.34
N SER A 504 -4.04 4.01 -9.53
CA SER A 504 -2.88 3.96 -8.66
C SER A 504 -1.57 3.88 -9.44
N SER A 505 -1.51 2.98 -10.42
CA SER A 505 -0.26 2.75 -11.14
C SER A 505 0.07 3.98 -11.99
N TYR A 506 -0.95 4.52 -12.65
CA TYR A 506 -0.74 5.68 -13.53
C TYR A 506 -0.16 6.85 -12.77
N GLU A 507 -0.76 7.12 -11.59
CA GLU A 507 -0.26 8.22 -10.76
C GLU A 507 1.11 7.92 -10.17
N GLU A 508 1.38 6.68 -9.76
CA GLU A 508 2.74 6.36 -9.32
C GLU A 508 3.73 6.54 -10.48
N CYS A 509 3.29 6.22 -11.69
CA CYS A 509 4.17 6.38 -12.85
C CYS A 509 4.53 7.84 -13.03
N ARG A 510 3.52 8.68 -12.86
CA ARG A 510 3.70 10.12 -13.07
C ARG A 510 4.69 10.68 -12.04
N ALA A 511 4.51 10.31 -10.78
CA ALA A 511 5.35 10.81 -9.72
C ALA A 511 6.78 10.34 -9.92
N GLU A 512 6.95 9.08 -10.33
CA GLU A 512 8.29 8.51 -10.58
C GLU A 512 9.00 9.21 -11.72
N SER A 513 8.23 9.50 -12.76
CA SER A 513 8.72 10.19 -13.96
C SER A 513 9.19 11.59 -13.60
N VAL A 514 8.42 12.30 -12.79
CA VAL A 514 8.82 13.61 -12.27
C VAL A 514 10.15 13.53 -11.51
N GLY A 515 10.30 12.53 -10.66
CA GLY A 515 11.55 12.35 -9.92
C GLY A 515 12.75 12.11 -10.81
N LEU A 516 12.57 11.22 -11.78
CA LEU A 516 13.59 10.85 -12.73
C LEU A 516 13.98 12.04 -13.62
N TYR A 517 12.97 12.77 -14.08
CA TYR A 517 13.14 13.98 -14.88
C TYR A 517 13.92 15.04 -14.12
N LEU A 518 13.43 15.45 -12.95
CA LEU A 518 14.11 16.49 -12.18
C LEU A 518 15.44 16.03 -11.57
N SER A 519 15.74 14.73 -11.60
CA SER A 519 17.02 14.28 -11.09
C SER A 519 18.15 14.70 -12.03
N LEU A 520 17.78 15.16 -13.23
CA LEU A 520 18.76 15.65 -14.20
C LEU A 520 19.25 17.06 -13.88
N HIS A 521 18.56 17.69 -12.95
CA HIS A 521 18.78 19.09 -12.64
C HIS A 521 20.08 19.31 -11.86
N PRO A 522 20.97 20.15 -12.40
CA PRO A 522 22.24 20.44 -11.72
C PRO A 522 22.05 21.15 -10.39
N GLN A 523 20.87 21.72 -10.15
CA GLN A 523 20.58 22.38 -8.89
C GLN A 523 20.04 21.43 -7.83
N VAL A 524 19.14 20.51 -8.21
CA VAL A 524 18.50 19.61 -7.25
C VAL A 524 19.56 18.74 -6.59
N LEU A 525 20.63 18.51 -7.34
CA LEU A 525 21.78 17.77 -6.83
C LEU A 525 22.67 18.64 -5.92
N GLU A 526 22.12 19.75 -5.43
CA GLU A 526 22.77 20.61 -4.45
C GLU A 526 21.94 20.65 -3.17
N ILE A 527 20.62 20.74 -3.33
CA ILE A 527 19.68 20.65 -2.20
C ILE A 527 19.96 19.38 -1.40
N PHE A 528 20.19 18.27 -2.10
CA PHE A 528 20.62 17.03 -1.48
C PHE A 528 22.14 16.99 -1.43
N GLY A 529 22.78 17.75 -2.32
CA GLY A 529 24.18 18.10 -2.19
C GLY A 529 25.20 17.16 -2.78
N PHE A 530 25.41 17.24 -4.09
CA PHE A 530 26.36 16.36 -4.75
C PHE A 530 27.21 17.14 -5.77
N GLU A 531 26.57 18.12 -6.39
CA GLU A 531 27.21 19.19 -7.18
C GLU A 531 28.52 18.90 -7.92
N GLY A 532 28.58 17.81 -8.67
CA GLY A 532 29.76 17.54 -9.48
C GLY A 532 29.66 16.22 -10.19
N ALA A 533 30.74 15.45 -10.18
CA ALA A 533 30.69 14.07 -10.67
C ALA A 533 29.81 13.27 -9.73
N ASP A 534 29.89 13.61 -8.44
CA ASP A 534 28.97 13.08 -7.42
C ASP A 534 27.52 13.25 -7.86
N ALA A 535 27.16 14.46 -8.28
CA ALA A 535 25.83 14.77 -8.79
C ALA A 535 25.47 13.93 -10.00
N GLU A 536 26.41 13.85 -10.94
CA GLU A 536 26.22 13.08 -12.15
C GLU A 536 26.15 11.58 -11.88
N ASP A 537 26.89 11.11 -10.87
CA ASP A 537 26.88 9.70 -10.50
C ASP A 537 25.49 9.28 -10.03
N VAL A 538 24.90 10.10 -9.18
CA VAL A 538 23.52 9.89 -8.79
C VAL A 538 22.66 9.75 -10.02
N ILE A 539 22.90 10.59 -11.03
CA ILE A 539 22.09 10.57 -12.24
C ILE A 539 22.18 9.23 -12.97
N TYR A 540 23.38 8.82 -13.38
CA TYR A 540 23.52 7.58 -14.15
C TYR A 540 22.98 6.38 -13.38
N VAL A 541 23.18 6.39 -12.06
CA VAL A 541 22.72 5.33 -11.21
C VAL A 541 21.21 5.38 -11.07
N ASN A 542 20.67 6.59 -10.89
CA ASN A 542 19.24 6.75 -10.70
C ASN A 542 18.47 6.22 -11.90
N TRP A 543 19.02 6.49 -13.08
CA TRP A 543 18.42 6.04 -14.34
C TRP A 543 18.71 4.56 -14.57
N LEU A 544 19.90 4.10 -14.15
CA LEU A 544 20.23 2.69 -14.29
C LEU A 544 19.32 1.86 -13.39
N ASN A 545 19.10 2.37 -12.19
CA ASN A 545 18.21 1.73 -11.24
C ASN A 545 16.79 1.66 -11.77
N MET A 546 16.31 2.76 -12.34
CA MET A 546 14.96 2.79 -12.87
C MET A 546 14.79 1.73 -13.98
N VAL A 547 15.73 1.64 -14.92
CA VAL A 547 15.57 0.69 -16.00
C VAL A 547 15.77 -0.76 -15.53
N ARG A 548 16.62 -0.97 -14.53
CA ARG A 548 16.76 -2.32 -13.97
C ARG A 548 15.48 -2.73 -13.23
N ALA A 549 14.90 -1.78 -12.52
CA ALA A 549 13.64 -1.96 -11.82
C ALA A 549 12.50 -2.32 -12.76
N GLY A 550 12.52 -1.75 -13.96
CA GLY A 550 11.46 -2.04 -14.92
C GLY A 550 11.52 -3.46 -15.38
N LEU A 551 12.72 -4.02 -15.41
CA LEU A 551 12.91 -5.40 -15.78
C LEU A 551 12.44 -6.31 -14.63
N LEU A 552 12.93 -5.99 -13.44
CA LEU A 552 12.54 -6.75 -12.22
C LEU A 552 11.03 -6.76 -12.02
N ALA A 553 10.41 -5.69 -12.49
CA ALA A 553 8.99 -5.50 -12.36
C ALA A 553 8.19 -6.63 -12.97
N LEU A 554 8.75 -7.32 -13.96
CA LEU A 554 8.02 -8.39 -14.65
C LEU A 554 7.61 -9.54 -13.70
N GLU A 555 8.28 -9.64 -12.55
CA GLU A 555 7.84 -10.59 -11.52
C GLU A 555 6.35 -10.36 -11.18
N PHE A 556 5.91 -9.12 -11.30
CA PHE A 556 4.60 -8.70 -10.77
C PHE A 556 3.57 -8.56 -11.86
N TYR A 557 3.85 -9.20 -12.99
CA TYR A 557 2.91 -9.27 -14.09
C TYR A 557 2.40 -10.70 -14.24
N THR A 558 1.10 -10.86 -14.47
CA THR A 558 0.49 -12.17 -14.68
C THR A 558 0.06 -12.39 -16.12
N PRO A 559 0.84 -13.18 -16.88
CA PRO A 559 0.63 -13.35 -18.31
C PRO A 559 -0.74 -13.91 -18.64
N GLU A 560 -1.18 -14.94 -17.91
CA GLU A 560 -2.46 -15.57 -18.21
C GLU A 560 -3.63 -14.59 -18.05
N ALA A 561 -3.50 -13.65 -17.12
CA ALA A 561 -4.58 -12.68 -16.89
C ALA A 561 -4.31 -11.35 -17.61
N PHE A 562 -3.17 -11.26 -18.29
CA PHE A 562 -2.71 -10.01 -18.87
C PHE A 562 -2.80 -8.88 -17.84
N ASN A 563 -2.41 -9.18 -16.60
CA ASN A 563 -2.69 -8.29 -15.48
C ASN A 563 -1.46 -7.93 -14.64
N TRP A 564 -1.29 -6.64 -14.34
CA TRP A 564 -0.25 -6.15 -13.44
C TRP A 564 -0.75 -6.17 -12.00
N ARG A 565 0.08 -6.63 -11.06
CA ARG A 565 -0.40 -6.86 -9.70
C ARG A 565 0.14 -5.87 -8.70
N GLN A 566 1.09 -5.04 -9.10
CA GLN A 566 1.67 -4.09 -8.16
C GLN A 566 1.88 -2.75 -8.86
N ALA A 567 1.24 -1.71 -8.34
CA ALA A 567 1.14 -0.43 -9.06
C ALA A 567 2.49 0.22 -9.35
N HIS A 568 3.37 0.18 -8.35
CA HIS A 568 4.69 0.83 -8.47
C HIS A 568 5.56 0.07 -9.47
N MET A 569 5.50 -1.27 -9.45
CA MET A 569 6.29 -2.07 -10.39
C MET A 569 5.79 -1.89 -11.83
N GLN A 570 4.47 -1.90 -12.01
CA GLN A 570 3.90 -1.65 -13.35
C GLN A 570 4.38 -0.30 -13.89
N ALA A 571 4.43 0.70 -13.02
CA ALA A 571 4.87 2.05 -13.38
C ALA A 571 6.33 2.08 -13.82
N ARG A 572 7.17 1.30 -13.15
CA ARG A 572 8.59 1.28 -13.52
C ARG A 572 8.80 0.54 -14.84
N PHE A 573 7.99 -0.49 -15.10
CA PHE A 573 8.00 -1.15 -16.40
C PHE A 573 7.61 -0.16 -17.47
N VAL A 574 6.56 0.62 -17.20
CA VAL A 574 6.10 1.62 -18.17
C VAL A 574 7.24 2.60 -18.53
N ILE A 575 7.91 3.12 -17.51
CA ILE A 575 9.02 4.06 -17.75
C ILE A 575 10.12 3.37 -18.56
N LEU A 576 10.42 2.12 -18.24
CA LEU A 576 11.40 1.36 -19.02
C LEU A 576 10.97 1.30 -20.48
N ARG A 577 9.69 1.03 -20.72
CA ARG A 577 9.24 0.91 -22.12
C ARG A 577 9.26 2.25 -22.85
N VAL A 578 8.98 3.34 -22.12
CA VAL A 578 9.13 4.67 -22.70
C VAL A 578 10.58 4.89 -23.16
N LEU A 579 11.54 4.52 -22.32
CA LEU A 579 12.94 4.74 -22.66
C LEU A 579 13.40 3.81 -23.78
N LEU A 580 12.91 2.57 -23.79
CA LEU A 580 13.16 1.64 -24.89
C LEU A 580 12.57 2.13 -26.22
N GLU A 581 11.40 2.75 -26.13
CA GLU A 581 10.75 3.31 -27.32
C GLU A 581 11.58 4.42 -27.97
N ALA A 582 12.27 5.22 -27.16
CA ALA A 582 13.10 6.30 -27.68
C ALA A 582 14.23 5.78 -28.61
N GLY A 583 14.55 4.49 -28.52
CA GLY A 583 15.56 3.86 -29.34
C GLY A 583 16.96 4.48 -29.20
N GLU A 584 17.69 4.58 -30.31
CA GLU A 584 19.01 5.22 -30.33
C GLU A 584 19.97 4.60 -29.32
N GLY A 585 19.82 3.31 -29.09
CA GLY A 585 20.67 2.56 -28.19
C GLY A 585 20.83 3.09 -26.77
N LEU A 586 19.88 3.92 -26.31
CA LEU A 586 19.89 4.42 -24.93
C LEU A 586 19.85 3.28 -23.91
N VAL A 587 18.94 2.34 -24.09
CA VAL A 587 18.84 1.22 -23.16
C VAL A 587 18.56 -0.04 -23.94
N THR A 588 19.29 -1.10 -23.62
CA THR A 588 19.02 -2.40 -24.21
C THR A 588 18.97 -3.44 -23.09
N ILE A 589 18.27 -4.53 -23.35
CA ILE A 589 18.20 -5.65 -22.45
C ILE A 589 18.61 -6.85 -23.25
N THR A 590 19.55 -7.60 -22.70
CA THR A 590 20.21 -8.69 -23.40
C THR A 590 20.09 -9.99 -22.63
N PRO A 591 19.59 -11.06 -23.28
CA PRO A 591 19.60 -12.36 -22.60
C PRO A 591 21.00 -12.93 -22.51
N THR A 592 21.35 -13.53 -21.38
CA THR A 592 22.68 -14.07 -21.19
C THR A 592 22.62 -15.36 -20.42
N THR A 593 23.77 -15.97 -20.19
CA THR A 593 23.85 -17.13 -19.34
C THR A 593 24.69 -16.77 -18.12
N GLY A 594 24.15 -17.07 -16.94
CA GLY A 594 24.82 -16.73 -15.70
C GLY A 594 25.90 -17.73 -15.35
N SER A 595 26.80 -17.32 -14.46
CA SER A 595 27.89 -18.16 -14.00
C SER A 595 27.40 -19.49 -13.38
N ASP A 596 26.13 -19.56 -13.02
CA ASP A 596 25.56 -20.79 -12.47
C ASP A 596 24.96 -21.70 -13.56
N GLY A 597 25.15 -21.30 -14.81
CA GLY A 597 24.68 -22.09 -15.93
C GLY A 597 23.22 -21.86 -16.26
N ARG A 598 22.54 -21.08 -15.43
CA ARG A 598 21.13 -20.74 -15.65
C ARG A 598 21.00 -19.46 -16.45
N PRO A 599 19.88 -19.30 -17.18
CA PRO A 599 19.59 -18.06 -17.90
C PRO A 599 19.74 -16.81 -17.02
N ASP A 600 20.27 -15.76 -17.61
CA ASP A 600 20.46 -14.48 -16.94
C ASP A 600 20.11 -13.39 -17.96
N ALA A 601 20.34 -12.13 -17.60
CA ALA A 601 20.20 -11.04 -18.56
C ALA A 601 21.03 -9.85 -18.12
N ARG A 602 21.21 -8.91 -19.03
CA ARG A 602 22.00 -7.73 -18.76
C ARG A 602 21.24 -6.51 -19.23
N VAL A 603 21.21 -5.50 -18.37
CA VAL A 603 20.65 -4.21 -18.70
C VAL A 603 21.79 -3.29 -19.08
N ARG A 604 21.72 -2.73 -20.28
CA ARG A 604 22.72 -1.77 -20.75
C ARG A 604 22.11 -0.37 -20.89
N LEU A 605 22.62 0.57 -20.11
CA LEU A 605 22.24 1.97 -20.25
C LEU A 605 23.40 2.79 -20.83
N ASP A 606 23.12 3.58 -21.86
CA ASP A 606 24.14 4.44 -22.46
C ASP A 606 24.09 5.82 -21.81
N ARG A 607 24.97 6.07 -20.86
CA ARG A 607 25.02 7.33 -20.15
C ARG A 607 25.13 8.54 -21.09
N SER A 608 25.83 8.38 -22.21
CA SER A 608 26.06 9.53 -23.10
C SER A 608 24.81 9.93 -23.88
N LYS A 609 23.70 9.24 -23.66
CA LYS A 609 22.47 9.53 -24.40
C LYS A 609 21.29 9.79 -23.47
N ILE A 610 21.57 9.97 -22.18
CA ILE A 610 20.54 10.26 -21.22
C ILE A 610 19.88 11.62 -21.43
N ARG A 611 20.70 12.65 -21.59
CA ARG A 611 20.14 13.99 -21.76
C ARG A 611 19.74 14.25 -23.21
N SER A 612 20.37 13.55 -24.15
CA SER A 612 20.11 13.83 -25.55
C SER A 612 18.91 13.03 -26.05
N VAL A 613 18.74 11.81 -25.54
CA VAL A 613 17.64 10.94 -25.92
C VAL A 613 16.63 10.80 -24.77
N GLY A 614 17.10 10.42 -23.58
CA GLY A 614 16.21 10.08 -22.49
C GLY A 614 15.30 11.23 -22.07
N LYS A 615 15.91 12.37 -21.78
CA LYS A 615 15.16 13.49 -21.24
C LYS A 615 14.04 14.02 -22.17
N PRO A 616 14.31 14.18 -23.49
CA PRO A 616 13.13 14.61 -24.28
C PRO A 616 12.03 13.53 -24.41
N ALA A 617 12.41 12.25 -24.39
CA ALA A 617 11.42 11.18 -24.40
C ALA A 617 10.55 11.25 -23.16
N LEU A 618 11.20 11.56 -22.05
CA LEU A 618 10.55 11.56 -20.76
C LEU A 618 9.69 12.79 -20.60
N GLU A 619 10.20 13.93 -21.05
CA GLU A 619 9.47 15.21 -21.03
C GLU A 619 8.14 15.14 -21.80
N ARG A 620 8.21 14.57 -23.00
CA ARG A 620 7.04 14.32 -23.86
C ARG A 620 6.04 13.39 -23.18
N PHE A 621 6.56 12.30 -22.62
CA PHE A 621 5.72 11.32 -21.88
C PHE A 621 5.01 11.94 -20.67
N LEU A 622 5.77 12.59 -19.82
CA LEU A 622 5.25 13.26 -18.64
C LEU A 622 4.22 14.30 -18.99
N ARG A 623 4.45 15.03 -20.08
CA ARG A 623 3.49 16.04 -20.50
C ARG A 623 2.17 15.37 -20.84
N ARG A 624 2.25 14.32 -21.63
CA ARG A 624 1.06 13.56 -22.03
C ARG A 624 0.30 13.02 -20.80
N LEU A 625 1.03 12.45 -19.84
CA LEU A 625 0.40 11.93 -18.60
C LEU A 625 -0.40 12.98 -17.86
N GLN A 626 0.21 14.14 -17.68
CA GLN A 626 -0.46 15.17 -16.93
C GLN A 626 -1.65 15.71 -17.68
N VAL A 627 -1.54 15.83 -19.00
CA VAL A 627 -2.63 16.45 -19.74
C VAL A 627 -3.88 15.58 -19.64
N LEU A 628 -3.71 14.28 -19.81
CA LEU A 628 -4.83 13.34 -19.74
C LEU A 628 -5.40 13.22 -18.30
N LYS A 629 -4.54 13.31 -17.28
CA LYS A 629 -5.01 13.32 -15.89
C LYS A 629 -5.81 14.59 -15.58
N SER A 630 -5.24 15.75 -15.93
CA SER A 630 -5.92 17.02 -15.66
C SER A 630 -7.29 17.06 -16.33
N THR A 631 -7.37 16.55 -17.56
CA THR A 631 -8.62 16.57 -18.31
C THR A 631 -9.51 15.36 -18.02
N GLY A 632 -9.07 14.44 -17.15
CA GLY A 632 -9.91 13.30 -16.80
C GLY A 632 -10.27 12.46 -18.00
N ASP A 633 -9.35 12.41 -18.96
CA ASP A 633 -9.58 11.74 -20.23
C ASP A 633 -9.19 10.28 -20.05
N VAL A 634 -10.13 9.46 -19.56
CA VAL A 634 -9.76 8.10 -19.17
C VAL A 634 -9.50 7.24 -20.38
N ALA A 635 -10.25 7.45 -21.47
CA ALA A 635 -10.01 6.67 -22.67
C ALA A 635 -8.60 6.93 -23.20
N GLY A 636 -8.21 8.19 -23.29
CA GLY A 636 -6.85 8.54 -23.71
C GLY A 636 -5.78 8.06 -22.74
N GLY A 637 -6.03 8.28 -21.45
CA GLY A 637 -5.08 7.88 -20.42
C GLY A 637 -4.88 6.38 -20.43
N ARG A 638 -5.96 5.64 -20.59
CA ARG A 638 -5.87 4.18 -20.69
C ARG A 638 -5.12 3.75 -21.92
N ALA A 639 -5.49 4.35 -23.05
CA ALA A 639 -4.87 4.01 -24.32
C ALA A 639 -3.35 4.19 -24.21
N LEU A 640 -2.92 5.32 -23.63
CA LEU A 640 -1.49 5.63 -23.49
C LEU A 640 -0.76 4.68 -22.53
N TYR A 641 -1.32 4.54 -21.34
CA TYR A 641 -0.67 3.81 -20.27
C TYR A 641 -0.73 2.29 -20.46
N GLU A 642 -1.91 1.77 -20.80
CA GLU A 642 -2.05 0.33 -21.03
C GLU A 642 -1.24 -0.10 -22.24
N GLY A 643 -1.03 0.85 -23.15
CA GLY A 643 -0.15 0.64 -24.29
C GLY A 643 1.28 0.35 -23.86
N TYR A 644 1.89 1.22 -23.06
CA TYR A 644 3.25 0.95 -22.59
C TYR A 644 3.27 -0.23 -21.60
N ALA A 645 2.16 -0.48 -20.92
CA ALA A 645 2.18 -1.55 -19.92
C ALA A 645 1.98 -2.93 -20.56
N THR A 646 1.81 -2.96 -21.87
CA THR A 646 1.59 -4.21 -22.57
C THR A 646 2.83 -5.08 -22.60
N VAL A 647 2.68 -6.36 -22.25
CA VAL A 647 3.83 -7.26 -22.17
C VAL A 647 3.71 -8.32 -23.25
N THR A 648 4.65 -8.33 -24.18
CA THR A 648 4.68 -9.35 -25.24
C THR A 648 6.07 -9.95 -25.36
N ASP A 649 6.19 -10.99 -26.18
CA ASP A 649 7.51 -11.53 -26.46
C ASP A 649 8.10 -10.97 -27.77
N ALA A 650 7.63 -9.81 -28.22
CA ALA A 650 8.18 -9.15 -29.41
C ALA A 650 9.68 -8.92 -29.29
N PRO A 651 10.41 -9.15 -30.39
CA PRO A 651 11.85 -8.86 -30.41
C PRO A 651 12.07 -7.35 -30.46
N PRO A 652 13.24 -6.88 -30.03
CA PRO A 652 14.39 -7.65 -29.56
C PRO A 652 14.34 -7.98 -28.07
N GLU A 653 13.48 -7.33 -27.29
CA GLU A 653 13.49 -7.55 -25.82
C GLU A 653 12.99 -8.91 -25.38
N SER A 654 11.93 -9.42 -26.00
CA SER A 654 11.35 -10.70 -25.60
C SER A 654 11.00 -10.69 -24.10
N PHE A 655 10.21 -9.72 -23.69
CA PHE A 655 9.90 -9.54 -22.27
C PHE A 655 9.28 -10.75 -21.59
N LEU A 656 8.48 -11.52 -22.33
CA LEU A 656 7.89 -12.72 -21.72
C LEU A 656 8.97 -13.75 -21.40
N THR A 657 9.96 -13.91 -22.28
CA THR A 657 11.07 -14.79 -21.99
C THR A 657 11.89 -14.27 -20.83
N LEU A 658 12.21 -12.97 -20.89
CA LEU A 658 12.95 -12.33 -19.81
C LEU A 658 12.23 -12.54 -18.46
N ARG A 659 10.90 -12.52 -18.48
CA ARG A 659 10.16 -12.66 -17.23
C ARG A 659 10.49 -13.98 -16.55
N ASP A 660 10.64 -15.04 -17.34
CA ASP A 660 10.93 -16.34 -16.75
C ASP A 660 12.26 -16.29 -16.02
N THR A 661 13.19 -15.52 -16.58
CA THR A 661 14.51 -15.33 -16.00
C THR A 661 14.46 -14.42 -14.77
N VAL A 662 13.62 -13.40 -14.84
CA VAL A 662 13.40 -12.52 -13.70
C VAL A 662 12.86 -13.34 -12.51
N LEU A 663 11.92 -14.25 -12.77
CA LEU A 663 11.39 -15.11 -11.72
C LEU A 663 12.44 -16.08 -11.15
N LEU A 664 13.27 -16.64 -12.03
CA LEU A 664 14.29 -17.58 -11.62
C LEU A 664 15.25 -16.94 -10.63
N ARG A 665 15.58 -15.67 -10.86
CA ARG A 665 16.55 -14.97 -10.02
C ARG A 665 15.93 -13.97 -9.03
N LYS A 666 14.65 -14.07 -8.76
CA LYS A 666 14.00 -13.11 -7.86
C LYS A 666 14.47 -13.31 -6.41
N GLU A 667 14.37 -12.24 -5.62
CA GLU A 667 14.68 -12.29 -4.20
C GLU A 667 13.41 -11.91 -3.44
N SER A 668 13.12 -12.61 -2.35
CA SER A 668 11.92 -12.30 -1.58
C SER A 668 12.13 -11.03 -0.80
N ARG A 669 11.10 -10.20 -0.80
CA ARG A 669 11.10 -8.98 -0.05
C ARG A 669 11.11 -9.33 1.46
N LYS A 670 11.89 -8.62 2.26
CA LYS A 670 12.05 -9.02 3.66
C LYS A 670 10.84 -8.71 4.48
N LEU A 671 10.71 -9.43 5.61
CA LEU A 671 9.69 -9.18 6.61
C LEU A 671 10.24 -8.21 7.64
N ILE A 672 9.42 -7.28 8.12
CA ILE A 672 9.88 -6.28 9.08
C ILE A 672 9.18 -6.47 10.42
N VAL A 673 9.96 -6.60 11.49
CA VAL A 673 9.42 -6.75 12.83
C VAL A 673 9.27 -5.36 13.44
N GLN A 674 8.13 -5.10 14.09
CA GLN A 674 7.92 -3.83 14.75
C GLN A 674 7.85 -4.00 16.27
N PRO A 675 8.20 -2.94 17.02
CA PRO A 675 8.22 -3.06 18.48
C PRO A 675 6.84 -2.91 19.08
N ASN A 676 6.73 -3.11 20.39
CA ASN A 676 5.48 -2.86 21.08
C ASN A 676 5.71 -1.81 22.14
N THR A 677 4.66 -1.09 22.52
CA THR A 677 4.78 -0.23 23.69
C THR A 677 3.83 -0.77 24.72
N ARG A 678 4.26 -0.70 25.98
CA ARG A 678 3.54 -1.27 27.11
C ARG A 678 3.45 -0.26 28.22
N LEU A 679 2.27 -0.17 28.82
CA LEU A 679 2.00 0.84 29.82
C LEU A 679 2.17 0.21 31.18
N GLU A 680 3.41 0.17 31.65
CA GLU A 680 3.71 -0.47 32.94
C GLU A 680 3.44 0.49 34.09
N GLY A 681 2.16 0.59 34.47
CA GLY A 681 1.72 1.43 35.56
C GLY A 681 1.72 2.89 35.19
N SER A 682 2.84 3.56 35.45
CA SER A 682 2.99 4.97 35.14
C SER A 682 3.60 5.13 33.76
N ASP A 683 4.74 4.46 33.57
CA ASP A 683 5.60 4.69 32.43
C ASP A 683 5.24 3.81 31.24
N VAL A 684 5.63 4.29 30.06
CA VAL A 684 5.49 3.53 28.83
C VAL A 684 6.85 2.96 28.50
N GLN A 685 6.90 1.66 28.25
CA GLN A 685 8.15 1.03 27.83
C GLN A 685 8.07 0.51 26.42
N LEU A 686 9.23 0.48 25.77
CA LEU A 686 9.32 -0.03 24.41
C LEU A 686 9.87 -1.46 24.46
N LEU A 687 9.17 -2.37 23.82
CA LEU A 687 9.60 -3.78 23.80
C LEU A 687 10.12 -4.13 22.41
N GLU A 688 11.32 -4.71 22.36
CA GLU A 688 11.92 -5.01 21.10
C GLU A 688 12.09 -6.52 20.92
N TYR A 689 12.29 -6.95 19.67
CA TYR A 689 12.18 -8.35 19.30
C TYR A 689 13.31 -8.77 18.36
N GLU A 690 13.60 -10.06 18.37
CA GLU A 690 14.61 -10.65 17.46
C GLU A 690 14.23 -10.42 16.01
N ALA A 691 15.22 -10.18 15.17
CA ALA A 691 14.99 -10.02 13.74
C ALA A 691 14.91 -11.39 13.08
N SER A 692 13.80 -12.06 13.31
CA SER A 692 13.62 -13.43 12.82
C SER A 692 12.12 -13.73 12.71
N ALA A 693 11.79 -14.84 12.06
CA ALA A 693 10.39 -15.26 11.98
C ALA A 693 9.85 -15.46 13.39
N ALA A 694 10.66 -16.07 14.27
CA ALA A 694 10.19 -16.22 15.65
C ALA A 694 9.99 -14.87 16.39
N GLY A 695 10.89 -13.91 16.19
CA GLY A 695 10.73 -12.60 16.82
C GLY A 695 9.47 -11.91 16.29
N LEU A 696 9.17 -12.10 15.01
CA LEU A 696 8.01 -11.45 14.41
C LEU A 696 6.76 -12.05 15.04
N ILE A 697 6.75 -13.35 15.19
CA ILE A 697 5.64 -14.03 15.85
C ILE A 697 5.47 -13.52 17.28
N ARG A 698 6.59 -13.41 18.01
CA ARG A 698 6.55 -12.91 19.39
C ARG A 698 6.01 -11.50 19.45
N SER A 699 6.39 -10.69 18.44
CA SER A 699 5.96 -9.29 18.46
C SER A 699 4.43 -9.20 18.38
N PHE A 700 3.79 -10.16 17.70
CA PHE A 700 2.32 -10.18 17.65
C PHE A 700 1.73 -10.91 18.85
N SER A 701 2.41 -11.96 19.32
CA SER A 701 1.99 -12.66 20.54
C SER A 701 1.85 -11.69 21.71
N GLU A 702 2.70 -10.67 21.71
CA GLU A 702 2.72 -9.74 22.84
C GLU A 702 1.94 -8.45 22.55
N ARG A 703 1.26 -8.39 21.40
CA ARG A 703 0.79 -7.11 20.88
C ARG A 703 -0.55 -6.71 21.49
N PHE A 704 -1.34 -7.69 21.90
CA PHE A 704 -2.69 -7.43 22.42
C PHE A 704 -2.86 -8.14 23.76
N PRO A 705 -2.13 -7.68 24.78
CA PRO A 705 -2.14 -8.49 26.01
C PRO A 705 -3.45 -8.37 26.77
N GLU A 706 -4.20 -7.30 26.54
CA GLU A 706 -5.46 -7.09 27.24
C GLU A 706 -6.57 -8.03 26.75
N ASP A 707 -6.62 -8.25 25.44
CA ASP A 707 -7.80 -8.84 24.84
C ASP A 707 -7.55 -9.71 23.61
N GLY A 708 -6.34 -10.26 23.49
CA GLY A 708 -6.05 -11.14 22.36
C GLY A 708 -7.10 -12.22 22.13
N PRO A 709 -7.49 -12.95 23.19
CA PRO A 709 -8.47 -13.99 22.89
C PRO A 709 -9.80 -13.40 22.43
N GLU A 710 -10.19 -12.24 22.96
CA GLU A 710 -11.41 -11.59 22.50
C GLU A 710 -11.30 -11.20 21.00
N LEU A 711 -10.13 -10.77 20.58
CA LEU A 711 -9.96 -10.41 19.16
C LEU A 711 -10.05 -11.63 18.24
N GLU A 712 -9.45 -12.75 18.64
CA GLU A 712 -9.60 -14.03 17.94
C GLU A 712 -11.07 -14.34 17.70
N GLU A 713 -11.86 -14.28 18.77
CA GLU A 713 -13.32 -14.51 18.67
C GLU A 713 -14.02 -13.55 17.73
N ILE A 714 -13.71 -12.27 17.87
CA ILE A 714 -14.25 -11.24 17.00
C ILE A 714 -13.96 -11.50 15.53
N LEU A 715 -12.68 -11.76 15.19
CA LEU A 715 -12.35 -12.02 13.78
C LEU A 715 -13.08 -13.26 13.27
N THR A 716 -13.10 -14.29 14.10
CA THR A 716 -13.76 -15.53 13.74
C THR A 716 -15.25 -15.28 13.44
N GLN A 717 -15.94 -14.57 14.33
CA GLN A 717 -17.36 -14.31 14.15
CA GLN A 717 -17.36 -14.22 14.19
C GLN A 717 -17.63 -13.41 12.94
N LEU A 718 -16.83 -12.37 12.74
CA LEU A 718 -17.03 -11.51 11.56
C LEU A 718 -16.84 -12.32 10.25
N ALA A 719 -15.85 -13.20 10.22
CA ALA A 719 -15.61 -14.03 9.04
C ALA A 719 -16.83 -14.94 8.81
N THR A 720 -17.29 -15.56 9.89
CA THR A 720 -18.39 -16.50 9.79
C THR A 720 -19.69 -15.81 9.33
N ALA A 721 -19.93 -14.57 9.77
CA ALA A 721 -21.14 -13.85 9.35
C ALA A 721 -21.21 -13.69 7.83
N ASP A 722 -20.04 -13.55 7.20
CA ASP A 722 -19.94 -13.24 5.77
C ASP A 722 -19.62 -14.45 4.90
N ALA A 723 -19.54 -15.62 5.52
CA ALA A 723 -19.03 -16.81 4.82
C ALA A 723 -19.78 -17.13 3.53
N ARG A 724 -21.04 -16.74 3.42
CA ARG A 724 -21.82 -17.14 2.25
C ARG A 724 -21.38 -16.40 0.99
N PHE A 725 -20.56 -15.37 1.16
CA PHE A 725 -20.21 -14.53 0.03
C PHE A 725 -19.11 -15.17 -0.83
N TRP A 726 -18.45 -16.22 -0.30
CA TRP A 726 -17.28 -16.77 -1.00
C TRP A 726 -17.28 -18.29 -1.04
N TYR B 1 -1.11 8.25 -0.74
CA TYR B 1 -0.09 7.55 -1.56
C TYR B 1 1.04 7.01 -0.73
N GLY B 2 1.51 5.82 -1.08
CA GLY B 2 2.61 5.20 -0.34
C GLY B 2 3.78 4.93 -1.26
N GLY B 3 4.97 5.08 -0.72
CA GLY B 3 6.19 4.78 -1.46
C GLY B 3 6.72 3.45 -0.98
N PHE B 4 6.65 2.44 -1.82
CA PHE B 4 6.96 1.10 -1.36
C PHE B 4 8.33 0.57 -1.74
N MET B 5 9.08 0.24 -0.70
CA MET B 5 10.35 -0.48 -0.75
C MET B 5 10.77 -0.75 0.69
ZN ZN C . 4.09 7.53 -4.65
MG MG D . 3.81 -6.82 4.11
MG MG E . -13.18 -12.97 -7.17
K K F . -6.57 3.48 -6.74
#